data_4C4A
#
_entry.id   4C4A
#
_cell.length_a   97.322
_cell.length_b   97.322
_cell.length_c   168.754
_cell.angle_alpha   90.00
_cell.angle_beta   90.00
_cell.angle_gamma   90.00
#
_symmetry.space_group_name_H-M   'P 43 21 2'
#
loop_
_entity.id
_entity.type
_entity.pdbx_description
1 polymer 'PROTEIN ARGININE N-METHYLTRANSFERASE 7'
2 non-polymer S-ADENOSYL-L-HOMOCYSTEINE
3 non-polymer 3-[BENZYL(DIMETHYL)AMMONIO]PROPANE-1-SULFONATE
4 non-polymer 2-(2-METHOXYETHOXY)ETHANOL
5 non-polymer 'ZINC ION'
6 water water
#
_entity_poly.entity_id   1
_entity_poly.type   'polypeptide(L)'
_entity_poly.pdbx_seq_one_letter_code
;MKVFCGRANPTTGSLEWLEEDEHYDYHQEIARSSYADMLHDKDRNIKYYQGIRAAVSRVKDRGQKALVLDIGTGTGLLSM
MAVTAGADFCYAIEVFKPMAEAAVKIVERNGFSDKIKVINKHSTEVTVGPDGDLPCRANILITELFDTELIGEGALPSYE
HAHKHLVQEDCEAVPHRATVYAQLVESRRMWSWNKLFPVRVRTSLGEQVIVPPSELERCPGAPSVCDIQLNQVSPADFTV
LSDVLPMFSVDFSKQVSSSAACHSRQFVPLASGQAQVVLSWWDIEMDPEGKIKCTMAPFWAQTDPQELQWRDHWMQCVYF
LPQEEPVVQGSPRCLVAHHDDYCVWYSLQRTSPDENDSAYQVRPVCDCQAHLLWNRPRFGEINDQDRTDHYAQALRTVLL
PGSVCLCVSDGSLLSMLAHHLGAEQVFTVESSVASYRLMKRIFKVNHLEDKISVINKRPELLTAADLEGKKVSLLLGEPF
FTTSLLPWHNLYFWYVRTSVDQHLAPGAVVMPQAASLHAVIVEFRDLWRIRSPCGDCEGFDVHIMDDMIKHSLDFRESRE
AEPHPLWEYPCRSLSKPQEILTFDFQQPIPQQPMQSKGTMELTRPGKSHGAVLWMEYQLTPDSTISTGLINPAEDKGDCC
WNPHCKQAVYFLSTTLDLRVPLNGPRSVSYVVEFHPLTGDITMEFRLADTLS
;
_entity_poly.pdbx_strand_id   A
#
# COMPACT_ATOMS: atom_id res chain seq x y z
N HIS A 27 -9.38 -3.54 -17.73
CA HIS A 27 -10.42 -4.15 -16.91
C HIS A 27 -10.02 -4.24 -15.44
N GLN A 28 -8.71 -4.40 -15.18
CA GLN A 28 -8.24 -4.62 -13.82
C GLN A 28 -8.30 -3.32 -13.03
N GLU A 29 -8.17 -2.19 -13.73
CA GLU A 29 -8.30 -0.88 -13.09
C GLU A 29 -9.71 -0.72 -12.53
N ILE A 30 -10.69 -1.16 -13.31
CA ILE A 30 -12.08 -1.15 -12.86
C ILE A 30 -12.30 -2.16 -11.74
N ALA A 31 -11.85 -3.39 -11.97
CA ALA A 31 -12.05 -4.48 -11.02
C ALA A 31 -11.54 -4.14 -9.62
N ARG A 32 -10.39 -3.47 -9.55
CA ARG A 32 -9.75 -3.17 -8.27
C ARG A 32 -9.74 -1.66 -7.95
N SER A 33 -10.75 -0.96 -8.47
CA SER A 33 -10.96 0.45 -8.16
C SER A 33 -11.50 0.61 -6.74
N SER A 34 -11.63 1.86 -6.28
CA SER A 34 -12.09 2.07 -4.91
CA SER A 34 -12.09 2.12 -4.92
C SER A 34 -13.56 2.46 -4.84
N TYR A 35 -14.24 2.42 -5.99
CA TYR A 35 -15.65 2.83 -6.01
C TYR A 35 -16.54 2.01 -5.08
N ALA A 36 -16.32 0.69 -5.02
CA ALA A 36 -17.17 -0.16 -4.19
C ALA A 36 -16.98 0.20 -2.71
N ASP A 37 -15.73 0.42 -2.31
CA ASP A 37 -15.42 0.83 -0.94
C ASP A 37 -16.12 2.13 -0.56
N MET A 38 -16.09 3.11 -1.47
N MET A 38 -16.14 3.09 -1.48
CA MET A 38 -16.75 4.39 -1.21
CA MET A 38 -16.74 4.40 -1.23
C MET A 38 -18.23 4.17 -0.92
C MET A 38 -18.26 4.38 -1.15
N LEU A 39 -18.88 3.35 -1.74
CA LEU A 39 -20.33 3.17 -1.59
C LEU A 39 -20.66 2.54 -0.26
N HIS A 40 -19.75 1.73 0.28
CA HIS A 40 -19.93 1.11 1.59
C HIS A 40 -19.49 2.01 2.74
N ASP A 41 -18.90 3.16 2.42
CA ASP A 41 -18.38 4.06 3.46
C ASP A 41 -19.54 4.87 4.02
N LYS A 42 -20.23 4.29 5.01
CA LYS A 42 -21.47 4.86 5.51
C LYS A 42 -21.28 6.26 6.08
N ASP A 43 -20.23 6.42 6.90
CA ASP A 43 -19.94 7.71 7.52
C ASP A 43 -19.68 8.79 6.46
N ARG A 44 -18.90 8.45 5.45
CA ARG A 44 -18.70 9.37 4.33
C ARG A 44 -20.01 9.78 3.66
N ASN A 45 -20.84 8.81 3.35
CA ASN A 45 -22.03 9.12 2.57
C ASN A 45 -23.06 9.88 3.39
N ILE A 46 -23.18 9.54 4.67
CA ILE A 46 -24.11 10.23 5.57
C ILE A 46 -23.74 11.71 5.74
N LYS A 47 -22.45 11.96 5.98
CA LYS A 47 -21.96 13.31 6.23
C LYS A 47 -22.01 14.17 4.96
N TYR A 48 -21.65 13.60 3.81
CA TYR A 48 -21.83 14.36 2.56
C TYR A 48 -23.30 14.73 2.35
N TYR A 49 -24.22 13.78 2.57
CA TYR A 49 -25.63 14.03 2.34
C TYR A 49 -26.10 15.17 3.24
N GLN A 50 -25.70 15.12 4.51
CA GLN A 50 -26.06 16.18 5.46
C GLN A 50 -25.52 17.53 4.99
N GLY A 51 -24.25 17.56 4.59
CA GLY A 51 -23.65 18.80 4.12
C GLY A 51 -24.32 19.33 2.85
N ILE A 52 -24.67 18.42 1.95
CA ILE A 52 -25.28 18.81 0.68
C ILE A 52 -26.70 19.36 0.92
N ARG A 53 -27.48 18.73 1.81
CA ARG A 53 -28.81 19.26 2.08
C ARG A 53 -28.69 20.67 2.70
N ALA A 54 -27.73 20.86 3.59
CA ALA A 54 -27.58 22.18 4.24
C ALA A 54 -27.17 23.23 3.21
N ALA A 55 -26.22 22.88 2.35
CA ALA A 55 -25.72 23.83 1.35
C ALA A 55 -26.79 24.23 0.35
N VAL A 56 -27.51 23.25 -0.18
CA VAL A 56 -28.55 23.56 -1.15
C VAL A 56 -29.63 24.41 -0.49
N SER A 57 -30.02 24.07 0.74
CA SER A 57 -31.01 24.88 1.43
C SER A 57 -30.54 26.32 1.69
N ARG A 58 -29.26 26.53 2.01
CA ARG A 58 -28.77 27.90 2.22
C ARG A 58 -29.00 28.76 0.97
N VAL A 59 -28.75 28.19 -0.20
CA VAL A 59 -28.99 28.90 -1.47
C VAL A 59 -30.48 29.09 -1.81
N LYS A 60 -31.27 28.03 -1.70
CA LYS A 60 -32.70 28.14 -1.99
C LYS A 60 -33.37 29.12 -1.03
N ASP A 61 -32.95 29.12 0.24
CA ASP A 61 -33.60 29.98 1.23
C ASP A 61 -33.37 31.46 0.94
N ARG A 62 -32.34 31.75 0.15
CA ARG A 62 -32.05 33.13 -0.29
C ARG A 62 -32.83 33.53 -1.54
N GLY A 63 -33.69 32.64 -2.03
CA GLY A 63 -34.47 32.91 -3.22
C GLY A 63 -33.66 32.80 -4.51
N GLN A 64 -32.58 32.03 -4.46
CA GLN A 64 -31.70 31.92 -5.62
C GLN A 64 -31.72 30.54 -6.22
N LYS A 65 -31.32 30.48 -7.49
CA LYS A 65 -31.19 29.22 -8.21
C LYS A 65 -29.97 28.48 -7.71
N ALA A 66 -30.13 27.20 -7.39
CA ALA A 66 -29.02 26.39 -6.87
C ALA A 66 -28.42 25.55 -8.00
N LEU A 67 -27.23 25.94 -8.45
CA LEU A 67 -26.54 25.28 -9.56
C LEU A 67 -25.30 24.58 -9.05
N VAL A 68 -25.29 23.27 -9.14
CA VAL A 68 -24.22 22.45 -8.59
C VAL A 68 -23.14 22.11 -9.63
N LEU A 69 -21.88 22.25 -9.24
CA LEU A 69 -20.74 21.68 -9.95
C LEU A 69 -20.18 20.56 -9.07
N ASP A 70 -20.26 19.32 -9.57
CA ASP A 70 -19.79 18.14 -8.85
C ASP A 70 -18.54 17.64 -9.57
N ILE A 71 -17.36 17.96 -9.05
CA ILE A 71 -16.12 17.58 -9.74
C ILE A 71 -15.68 16.19 -9.32
N GLY A 72 -15.61 15.29 -10.30
CA GLY A 72 -15.22 13.91 -10.06
C GLY A 72 -16.40 13.09 -9.58
N THR A 73 -17.45 13.06 -10.41
CA THR A 73 -18.74 12.58 -9.94
C THR A 73 -18.81 11.07 -9.71
N GLY A 74 -17.91 10.29 -10.32
CA GLY A 74 -17.96 8.84 -10.13
C GLY A 74 -19.30 8.24 -10.56
N THR A 75 -20.02 7.65 -9.60
CA THR A 75 -21.35 7.09 -9.86
C THR A 75 -22.43 8.13 -10.13
N GLY A 76 -22.15 9.37 -9.75
CA GLY A 76 -23.16 10.42 -9.76
C GLY A 76 -23.85 10.61 -8.40
N LEU A 77 -23.46 9.81 -7.41
CA LEU A 77 -24.11 9.82 -6.08
C LEU A 77 -24.34 11.23 -5.50
N LEU A 78 -23.30 12.06 -5.45
CA LEU A 78 -23.41 13.34 -4.75
C LEU A 78 -24.33 14.29 -5.52
N SER A 79 -24.35 14.19 -6.85
CA SER A 79 -25.27 15.02 -7.63
C SER A 79 -26.72 14.57 -7.44
N MET A 80 -26.94 13.26 -7.35
CA MET A 80 -28.29 12.77 -7.06
C MET A 80 -28.76 13.26 -5.68
N MET A 81 -27.88 13.18 -4.69
CA MET A 81 -28.15 13.76 -3.36
C MET A 81 -28.56 15.23 -3.50
N ALA A 82 -27.79 15.98 -4.27
CA ALA A 82 -28.09 17.40 -4.47
C ALA A 82 -29.48 17.65 -5.06
N VAL A 83 -29.90 16.89 -6.06
CA VAL A 83 -31.26 17.09 -6.59
C VAL A 83 -32.34 16.78 -5.55
N THR A 84 -32.19 15.71 -4.77
CA THR A 84 -33.19 15.44 -3.72
C THR A 84 -33.24 16.60 -2.72
N ALA A 85 -32.10 17.26 -2.52
CA ALA A 85 -32.01 18.37 -1.56
C ALA A 85 -32.65 19.65 -2.09
N GLY A 86 -32.94 19.68 -3.39
CA GLY A 86 -33.61 20.81 -4.00
C GLY A 86 -32.81 21.56 -5.06
N ALA A 87 -31.67 21.02 -5.48
CA ALA A 87 -30.88 21.72 -6.51
C ALA A 87 -31.64 21.88 -7.82
N ASP A 88 -31.39 22.98 -8.53
CA ASP A 88 -32.06 23.21 -9.79
C ASP A 88 -31.38 22.48 -10.96
N PHE A 89 -30.06 22.37 -10.90
CA PHE A 89 -29.33 21.63 -11.93
C PHE A 89 -27.95 21.29 -11.42
N CYS A 90 -27.42 20.14 -11.88
CA CYS A 90 -26.08 19.72 -11.52
C CYS A 90 -25.24 19.46 -12.77
N TYR A 91 -24.02 19.96 -12.76
CA TYR A 91 -23.03 19.65 -13.79
C TYR A 91 -22.03 18.67 -13.17
N ALA A 92 -22.08 17.42 -13.61
CA ALA A 92 -21.30 16.35 -12.95
C ALA A 92 -20.14 15.93 -13.86
N ILE A 93 -18.93 16.20 -13.41
CA ILE A 93 -17.75 16.08 -14.25
C ILE A 93 -17.00 14.81 -13.89
N GLU A 94 -16.64 14.01 -14.89
CA GLU A 94 -15.90 12.77 -14.64
C GLU A 94 -14.93 12.50 -15.77
N VAL A 95 -13.64 12.50 -15.46
CA VAL A 95 -12.62 12.36 -16.49
C VAL A 95 -12.52 10.92 -17.03
N PHE A 96 -12.86 9.94 -16.19
CA PHE A 96 -12.68 8.54 -16.55
C PHE A 96 -13.89 8.04 -17.35
N LYS A 97 -13.67 7.76 -18.63
CA LYS A 97 -14.78 7.52 -19.56
C LYS A 97 -15.74 6.39 -19.13
N PRO A 98 -15.22 5.22 -18.72
CA PRO A 98 -16.16 4.16 -18.32
C PRO A 98 -17.05 4.55 -17.15
N MET A 99 -16.54 5.38 -16.24
CA MET A 99 -17.32 5.80 -15.08
CA MET A 99 -17.33 5.79 -15.08
C MET A 99 -18.31 6.90 -15.45
N ALA A 100 -17.92 7.79 -16.37
CA ALA A 100 -18.86 8.79 -16.89
C ALA A 100 -20.05 8.09 -17.56
N GLU A 101 -19.76 7.04 -18.32
CA GLU A 101 -20.83 6.29 -18.99
C GLU A 101 -21.73 5.61 -17.95
N ALA A 102 -21.14 5.05 -16.90
CA ALA A 102 -21.90 4.44 -15.81
C ALA A 102 -22.78 5.47 -15.11
N ALA A 103 -22.22 6.63 -14.80
CA ALA A 103 -22.97 7.71 -14.15
C ALA A 103 -24.20 8.12 -14.93
N VAL A 104 -24.07 8.23 -16.25
CA VAL A 104 -25.22 8.57 -17.08
C VAL A 104 -26.34 7.55 -16.88
N LYS A 105 -25.99 6.28 -16.89
CA LYS A 105 -26.97 5.21 -16.71
C LYS A 105 -27.56 5.19 -15.30
N ILE A 106 -26.71 5.44 -14.30
CA ILE A 106 -27.14 5.45 -12.90
C ILE A 106 -28.09 6.62 -12.65
N VAL A 107 -27.72 7.78 -13.15
CA VAL A 107 -28.58 8.97 -13.06
C VAL A 107 -29.95 8.69 -13.70
N GLU A 108 -29.96 8.05 -14.86
CA GLU A 108 -31.22 7.72 -15.54
C GLU A 108 -32.05 6.73 -14.72
N ARG A 109 -31.40 5.67 -14.25
CA ARG A 109 -32.10 4.65 -13.44
C ARG A 109 -32.79 5.27 -12.23
N ASN A 110 -32.14 6.27 -11.63
CA ASN A 110 -32.66 6.89 -10.41
C ASN A 110 -33.59 8.06 -10.65
N GLY A 111 -33.81 8.40 -11.92
CA GLY A 111 -34.84 9.36 -12.27
C GLY A 111 -34.40 10.82 -12.29
N PHE A 112 -33.10 11.05 -12.44
CA PHE A 112 -32.55 12.41 -12.33
C PHE A 112 -31.97 13.00 -13.63
N SER A 113 -32.25 12.36 -14.76
CA SER A 113 -31.62 12.79 -16.01
C SER A 113 -32.03 14.22 -16.39
N ASP A 114 -33.20 14.67 -15.94
CA ASP A 114 -33.65 16.02 -16.28
C ASP A 114 -32.86 17.12 -15.57
N LYS A 115 -32.17 16.79 -14.49
CA LYS A 115 -31.49 17.81 -13.71
C LYS A 115 -29.99 17.56 -13.52
N ILE A 116 -29.45 16.54 -14.19
CA ILE A 116 -28.01 16.26 -14.09
C ILE A 116 -27.42 16.03 -15.46
N LYS A 117 -26.42 16.84 -15.81
CA LYS A 117 -25.64 16.67 -17.03
C LYS A 117 -24.27 16.09 -16.69
N VAL A 118 -23.97 14.91 -17.23
CA VAL A 118 -22.66 14.28 -17.00
C VAL A 118 -21.70 14.70 -18.10
N ILE A 119 -20.54 15.23 -17.71
CA ILE A 119 -19.56 15.74 -18.66
C ILE A 119 -18.28 14.91 -18.53
N ASN A 120 -17.90 14.24 -19.62
CA ASN A 120 -16.76 13.34 -19.59
C ASN A 120 -15.49 14.08 -20.04
N LYS A 121 -14.97 14.87 -19.11
CA LYS A 121 -13.80 15.70 -19.30
C LYS A 121 -13.08 15.79 -17.95
N HIS A 122 -11.80 16.17 -17.97
CA HIS A 122 -11.16 16.67 -16.77
C HIS A 122 -11.73 18.06 -16.49
N SER A 123 -11.97 18.40 -15.23
CA SER A 123 -12.60 19.68 -14.90
C SER A 123 -11.78 20.87 -15.42
N THR A 124 -10.46 20.72 -15.54
CA THR A 124 -9.64 21.84 -16.02
C THR A 124 -9.85 22.11 -17.52
N GLU A 125 -10.59 21.22 -18.20
CA GLU A 125 -10.94 21.38 -19.61
C GLU A 125 -12.36 21.89 -19.79
N VAL A 126 -13.09 22.02 -18.69
CA VAL A 126 -14.49 22.44 -18.72
C VAL A 126 -14.60 23.95 -18.86
N THR A 127 -15.54 24.40 -19.69
CA THR A 127 -15.69 25.84 -19.94
C THR A 127 -17.13 26.32 -19.82
N VAL A 128 -17.27 27.63 -19.64
CA VAL A 128 -18.54 28.33 -19.60
C VAL A 128 -18.64 29.14 -20.90
N GLY A 129 -19.75 29.02 -21.61
CA GLY A 129 -19.91 29.80 -22.83
C GLY A 129 -20.94 29.21 -23.78
N PRO A 130 -21.24 29.93 -24.88
CA PRO A 130 -22.21 29.46 -25.88
C PRO A 130 -21.80 28.14 -26.51
N ASP A 131 -20.50 27.89 -26.61
CA ASP A 131 -20.01 26.60 -27.12
C ASP A 131 -19.40 25.77 -26.01
N GLY A 132 -19.74 26.09 -24.76
CA GLY A 132 -19.11 25.45 -23.63
C GLY A 132 -19.90 24.31 -23.02
N ASP A 133 -19.43 23.86 -21.86
CA ASP A 133 -20.09 22.78 -21.13
C ASP A 133 -21.15 23.31 -20.18
N LEU A 134 -20.87 24.48 -19.58
CA LEU A 134 -21.78 25.11 -18.63
C LEU A 134 -22.32 26.42 -19.21
N PRO A 135 -23.55 26.78 -18.84
CA PRO A 135 -24.15 28.05 -19.30
C PRO A 135 -23.64 29.26 -18.53
N CYS A 136 -23.23 29.02 -17.28
CA CYS A 136 -22.84 30.06 -16.34
C CYS A 136 -22.09 29.43 -15.18
N ARG A 137 -21.49 30.25 -14.33
CA ARG A 137 -20.80 29.72 -13.16
C ARG A 137 -21.77 29.11 -12.16
N ALA A 138 -21.35 28.01 -11.52
CA ALA A 138 -22.16 27.34 -10.50
C ALA A 138 -22.03 28.04 -9.15
N ASN A 139 -22.95 27.81 -8.21
CA ASN A 139 -22.79 28.41 -6.87
C ASN A 139 -22.77 27.40 -5.72
N ILE A 140 -22.75 26.11 -6.05
CA ILE A 140 -22.51 25.08 -5.06
C ILE A 140 -21.46 24.11 -5.60
N LEU A 141 -20.32 24.06 -4.91
CA LEU A 141 -19.15 23.30 -5.38
C LEU A 141 -18.98 22.05 -4.54
N ILE A 142 -19.28 20.90 -5.13
CA ILE A 142 -19.17 19.60 -4.45
C ILE A 142 -18.03 18.82 -5.07
N THR A 143 -17.11 18.32 -4.26
CA THR A 143 -16.10 17.39 -4.79
C THR A 143 -15.74 16.33 -3.77
N GLU A 144 -15.31 15.18 -4.26
CA GLU A 144 -14.62 14.21 -3.43
C GLU A 144 -13.33 13.81 -4.15
N LEU A 145 -12.37 14.73 -4.19
CA LEU A 145 -11.15 14.56 -4.96
C LEU A 145 -9.96 14.15 -4.09
N PHE A 146 -10.23 13.68 -2.88
CA PHE A 146 -9.17 13.54 -1.87
C PHE A 146 -8.58 12.15 -1.79
N ASP A 147 -7.27 12.09 -1.52
CA ASP A 147 -6.65 10.80 -1.23
C ASP A 147 -6.13 10.81 0.20
N THR A 148 -5.38 9.78 0.56
CA THR A 148 -4.90 9.67 1.93
C THR A 148 -4.04 10.88 2.35
N GLU A 149 -3.28 11.42 1.39
CA GLU A 149 -2.48 12.64 1.64
C GLU A 149 -3.26 13.95 1.51
N LEU A 150 -4.57 13.84 1.33
CA LEU A 150 -5.52 14.92 0.99
C LEU A 150 -5.32 15.44 -0.42
N ILE A 151 -4.11 15.89 -0.74
CA ILE A 151 -3.89 16.62 -1.99
C ILE A 151 -3.19 15.82 -3.09
N GLY A 152 -2.97 14.52 -2.88
CA GLY A 152 -2.17 13.76 -3.82
C GLY A 152 -2.82 13.41 -5.15
N GLU A 153 -4.12 13.64 -5.27
CA GLU A 153 -4.80 13.38 -6.54
C GLU A 153 -5.37 14.66 -7.14
N GLY A 154 -4.74 15.79 -6.82
CA GLY A 154 -4.95 17.00 -7.59
C GLY A 154 -6.06 17.91 -7.11
N ALA A 155 -6.49 17.74 -5.85
CA ALA A 155 -7.51 18.63 -5.28
C ALA A 155 -7.13 20.10 -5.44
N LEU A 156 -5.89 20.45 -5.15
CA LEU A 156 -5.52 21.86 -5.16
C LEU A 156 -5.62 22.48 -6.58
N PRO A 157 -4.95 21.90 -7.60
CA PRO A 157 -5.14 22.58 -8.89
C PRO A 157 -6.58 22.47 -9.44
N SER A 158 -7.31 21.43 -9.06
CA SER A 158 -8.69 21.30 -9.51
C SER A 158 -9.55 22.39 -8.87
N TYR A 159 -9.40 22.61 -7.56
CA TYR A 159 -10.18 23.65 -6.88
C TYR A 159 -9.76 25.03 -7.37
N GLU A 160 -8.47 25.18 -7.63
CA GLU A 160 -7.93 26.46 -8.09
C GLU A 160 -8.58 26.87 -9.40
N HIS A 161 -8.60 25.94 -10.34
CA HIS A 161 -9.22 26.20 -11.64
C HIS A 161 -10.71 26.43 -11.52
N ALA A 162 -11.38 25.66 -10.67
CA ALA A 162 -12.83 25.81 -10.49
C ALA A 162 -13.19 27.21 -10.00
N HIS A 163 -12.44 27.71 -9.02
CA HIS A 163 -12.75 29.05 -8.51
C HIS A 163 -12.41 30.11 -9.55
N LYS A 164 -11.36 29.87 -10.33
CA LYS A 164 -10.99 30.84 -11.33
C LYS A 164 -12.00 30.96 -12.47
N HIS A 165 -12.64 29.84 -12.86
CA HIS A 165 -13.44 29.84 -14.09
C HIS A 165 -14.88 29.33 -14.00
N LEU A 166 -15.16 28.45 -13.03
CA LEU A 166 -16.41 27.67 -13.06
C LEU A 166 -17.41 27.97 -11.95
N VAL A 167 -16.99 28.65 -10.88
CA VAL A 167 -17.91 28.92 -9.77
C VAL A 167 -17.93 30.40 -9.39
N GLN A 168 -19.08 30.86 -8.90
CA GLN A 168 -19.25 32.25 -8.46
C GLN A 168 -18.44 32.57 -7.22
N GLU A 169 -18.17 33.86 -6.98
CA GLU A 169 -17.68 34.27 -5.66
C GLU A 169 -18.74 33.98 -4.60
N ASP A 170 -18.31 33.68 -3.37
CA ASP A 170 -19.24 33.47 -2.26
C ASP A 170 -20.10 32.20 -2.45
N CYS A 171 -19.59 31.26 -3.22
CA CYS A 171 -20.32 30.01 -3.45
C CYS A 171 -20.35 29.17 -2.18
N GLU A 172 -21.28 28.22 -2.11
CA GLU A 172 -21.23 27.19 -1.08
C GLU A 172 -20.28 26.07 -1.51
N ALA A 173 -19.59 25.44 -0.57
CA ALA A 173 -18.72 24.32 -0.90
C ALA A 173 -18.94 23.15 0.04
N VAL A 174 -19.05 21.95 -0.51
CA VAL A 174 -19.14 20.72 0.30
C VAL A 174 -18.10 19.73 -0.19
N PRO A 175 -17.07 19.46 0.63
CA PRO A 175 -16.84 20.01 1.97
C PRO A 175 -16.50 21.50 1.93
N HIS A 176 -16.66 22.14 3.08
CA HIS A 176 -16.38 23.56 3.21
C HIS A 176 -14.88 23.78 3.47
N ARG A 177 -14.27 22.94 4.29
CA ARG A 177 -12.83 23.04 4.51
C ARG A 177 -12.21 21.71 4.93
N ALA A 178 -10.89 21.63 4.82
CA ALA A 178 -10.14 20.46 5.26
C ALA A 178 -9.03 20.94 6.17
N THR A 179 -8.60 20.07 7.10
CA THR A 179 -7.46 20.40 7.97
C THR A 179 -6.53 19.21 7.98
N VAL A 180 -5.24 19.47 7.78
CA VAL A 180 -4.21 18.46 7.84
C VAL A 180 -3.54 18.49 9.21
N TYR A 181 -3.45 17.33 9.87
CA TYR A 181 -2.89 17.21 11.22
C TYR A 181 -1.62 16.39 11.17
N ALA A 182 -0.72 16.65 12.13
CA ALA A 182 0.52 15.88 12.22
C ALA A 182 0.87 15.61 13.68
N GLN A 183 1.54 14.48 13.89
CA GLN A 183 1.98 14.08 15.22
C GLN A 183 3.37 13.45 15.13
N LEU A 184 4.30 14.02 15.88
CA LEU A 184 5.68 13.54 15.89
C LEU A 184 5.84 12.33 16.82
N VAL A 185 6.47 11.27 16.33
CA VAL A 185 6.73 10.12 17.21
C VAL A 185 8.15 9.57 17.04
N GLU A 186 8.58 8.82 18.05
CA GLU A 186 9.74 7.91 17.95
C GLU A 186 9.17 6.53 17.67
N SER A 187 9.74 5.81 16.70
CA SER A 187 9.25 4.45 16.43
C SER A 187 10.31 3.60 15.76
N ARG A 188 10.88 2.64 16.50
CA ARG A 188 11.90 1.76 15.88
C ARG A 188 11.28 1.00 14.70
N ARG A 189 10.07 0.47 14.87
CA ARG A 189 9.42 -0.26 13.78
C ARG A 189 9.25 0.58 12.51
N MET A 190 8.65 1.77 12.65
CA MET A 190 8.39 2.56 11.45
C MET A 190 9.66 3.19 10.90
N TRP A 191 10.60 3.53 11.77
CA TRP A 191 11.90 4.08 11.32
C TRP A 191 12.67 3.01 10.56
N SER A 192 12.44 1.74 10.91
CA SER A 192 13.08 0.62 10.20
C SER A 192 12.54 0.42 8.77
N TRP A 193 11.52 1.19 8.38
CA TRP A 193 11.03 1.19 7.00
C TRP A 193 11.81 2.19 6.14
N ASN A 194 12.66 2.98 6.80
CA ASN A 194 13.37 4.11 6.17
C ASN A 194 14.90 4.00 6.30
N LYS A 195 15.37 3.43 7.41
CA LYS A 195 16.81 3.30 7.63
C LYS A 195 17.24 1.85 7.69
N LEU A 196 18.44 1.56 7.18
CA LEU A 196 19.08 0.27 7.41
C LEU A 196 19.84 0.28 8.74
N PHE A 197 19.44 -0.59 9.66
CA PHE A 197 20.14 -0.75 10.95
C PHE A 197 21.30 -1.71 10.79
N PRO A 198 22.28 -1.66 11.70
CA PRO A 198 23.34 -2.67 11.69
C PRO A 198 22.75 -4.08 11.77
N VAL A 199 23.31 -4.99 10.98
CA VAL A 199 22.84 -6.37 10.95
C VAL A 199 23.89 -7.26 11.60
N ARG A 200 23.51 -7.99 12.65
CA ARG A 200 24.48 -8.78 13.39
C ARG A 200 24.51 -10.23 12.90
N VAL A 201 25.69 -10.83 12.96
CA VAL A 201 25.85 -12.25 12.63
C VAL A 201 26.97 -12.84 13.48
N ARG A 202 26.68 -13.98 14.08
CA ARG A 202 27.64 -14.66 14.93
C ARG A 202 28.51 -15.60 14.11
N THR A 203 29.83 -15.43 14.20
CA THR A 203 30.78 -16.26 13.47
C THR A 203 31.64 -17.08 14.42
N SER A 204 32.52 -17.91 13.86
CA SER A 204 33.44 -18.71 14.67
C SER A 204 34.37 -17.81 15.50
N LEU A 205 34.70 -16.64 14.96
CA LEU A 205 35.60 -15.71 15.63
C LEU A 205 34.86 -14.78 16.61
N GLY A 206 33.54 -14.86 16.60
CA GLY A 206 32.73 -13.98 17.42
C GLY A 206 31.69 -13.23 16.61
N GLU A 207 31.13 -12.18 17.18
CA GLU A 207 30.08 -11.40 16.53
C GLU A 207 30.64 -10.50 15.43
N GLN A 208 29.99 -10.52 14.28
CA GLN A 208 30.31 -9.60 13.20
C GLN A 208 29.14 -8.65 12.98
N VAL A 209 29.43 -7.45 12.50
CA VAL A 209 28.36 -6.49 12.24
C VAL A 209 28.45 -5.99 10.79
N ILE A 210 27.31 -5.96 10.12
CA ILE A 210 27.17 -5.37 8.80
C ILE A 210 26.59 -3.97 8.97
N VAL A 211 27.36 -2.94 8.60
CA VAL A 211 26.91 -1.58 8.82
C VAL A 211 26.41 -0.97 7.52
N PRO A 212 25.50 0.01 7.62
CA PRO A 212 25.03 0.70 6.41
C PRO A 212 26.06 1.71 5.90
N PRO A 213 26.07 1.95 4.59
CA PRO A 213 26.87 3.05 4.04
C PRO A 213 26.42 4.36 4.65
N SER A 214 27.36 5.26 4.93
CA SER A 214 27.04 6.50 5.65
C SER A 214 25.99 7.35 4.92
N GLU A 215 25.98 7.30 3.59
CA GLU A 215 25.02 8.10 2.83
C GLU A 215 23.58 7.65 3.06
N LEU A 216 23.39 6.37 3.39
CA LEU A 216 22.06 5.86 3.75
C LEU A 216 21.60 6.53 5.04
N GLU A 217 22.51 6.59 6.01
CA GLU A 217 22.25 7.23 7.31
C GLU A 217 21.88 8.69 7.15
N ARG A 218 22.41 9.35 6.12
CA ARG A 218 22.21 10.79 5.92
C ARG A 218 21.11 11.15 4.91
N CYS A 219 20.52 10.15 4.26
CA CYS A 219 19.52 10.38 3.21
C CYS A 219 18.15 10.79 3.75
N PRO A 220 17.48 11.73 3.06
CA PRO A 220 16.12 12.09 3.46
C PRO A 220 15.09 11.00 3.17
N GLY A 221 15.49 9.97 2.44
CA GLY A 221 14.61 8.86 2.10
C GLY A 221 13.84 9.10 0.82
N ALA A 222 12.91 8.20 0.51
CA ALA A 222 12.08 8.35 -0.68
C ALA A 222 11.06 9.45 -0.47
N PRO A 223 10.90 10.31 -1.48
CA PRO A 223 10.00 11.46 -1.42
C PRO A 223 8.57 11.04 -1.74
N SER A 224 8.01 10.17 -0.92
CA SER A 224 6.66 9.70 -1.11
C SER A 224 6.10 9.29 0.23
N VAL A 225 4.80 9.49 0.43
CA VAL A 225 4.14 9.07 1.66
C VAL A 225 4.14 7.55 1.77
N CYS A 226 4.05 7.06 2.99
CA CYS A 226 3.81 5.65 3.23
C CYS A 226 2.39 5.58 3.81
N ASP A 227 1.43 5.15 3.00
CA ASP A 227 0.04 5.11 3.44
C ASP A 227 -0.27 3.74 4.05
N ILE A 228 -0.83 3.76 5.25
CA ILE A 228 -1.12 2.53 5.99
C ILE A 228 -2.39 2.65 6.82
N GLN A 229 -2.92 1.51 7.22
CA GLN A 229 -4.01 1.49 8.19
C GLN A 229 -3.38 1.65 9.58
N LEU A 230 -3.20 2.90 9.98
CA LEU A 230 -2.43 3.21 11.16
C LEU A 230 -3.12 2.68 12.42
N ASN A 231 -4.42 2.45 12.33
CA ASN A 231 -5.14 1.86 13.46
C ASN A 231 -4.66 0.45 13.82
N GLN A 232 -3.91 -0.20 12.93
CA GLN A 232 -3.42 -1.55 13.20
C GLN A 232 -1.96 -1.57 13.69
N VAL A 233 -1.35 -0.40 13.81
CA VAL A 233 -0.05 -0.31 14.47
C VAL A 233 -0.22 -0.31 16.00
N SER A 234 0.40 -1.26 16.68
CA SER A 234 0.29 -1.30 18.15
C SER A 234 0.81 -0.03 18.79
N PRO A 235 0.12 0.47 19.82
CA PRO A 235 0.67 1.61 20.57
C PRO A 235 2.07 1.33 21.15
N ALA A 236 2.39 0.05 21.38
CA ALA A 236 3.70 -0.32 21.90
C ALA A 236 4.83 -0.06 20.90
N ASP A 237 4.46 0.14 19.64
CA ASP A 237 5.43 0.30 18.54
C ASP A 237 5.91 1.76 18.35
N PHE A 238 5.32 2.71 19.07
CA PHE A 238 5.77 4.09 18.96
C PHE A 238 5.56 4.87 20.26
N THR A 239 6.36 5.91 20.43
CA THR A 239 6.20 6.83 21.56
C THR A 239 5.80 8.19 21.02
N VAL A 240 4.65 8.68 21.46
CA VAL A 240 4.17 9.99 21.05
C VAL A 240 5.05 11.11 21.60
N LEU A 241 5.51 12.01 20.73
CA LEU A 241 6.40 13.08 21.18
C LEU A 241 5.71 14.44 21.17
N SER A 242 4.64 14.57 20.40
CA SER A 242 3.90 15.84 20.35
C SER A 242 2.41 15.59 20.48
N ASP A 243 1.66 16.61 20.87
CA ASP A 243 0.22 16.65 20.61
C ASP A 243 -0.09 16.50 19.13
N VAL A 244 -1.37 16.30 18.84
CA VAL A 244 -1.84 16.34 17.46
C VAL A 244 -1.88 17.81 17.03
N LEU A 245 -1.07 18.15 16.05
CA LEU A 245 -0.90 19.55 15.63
C LEU A 245 -1.68 19.83 14.35
N PRO A 246 -2.55 20.86 14.38
CA PRO A 246 -3.19 21.22 13.11
C PRO A 246 -2.19 22.02 12.28
N MET A 247 -1.73 21.47 11.16
CA MET A 247 -0.63 22.09 10.42
C MET A 247 -1.11 23.17 9.45
N PHE A 248 -2.12 22.86 8.65
CA PHE A 248 -2.74 23.88 7.80
C PHE A 248 -4.14 23.47 7.39
N SER A 249 -4.90 24.43 6.89
CA SER A 249 -6.27 24.16 6.46
CA SER A 249 -6.26 24.16 6.47
C SER A 249 -6.48 24.68 5.04
N VAL A 250 -7.41 24.08 4.33
CA VAL A 250 -7.80 24.54 2.99
C VAL A 250 -9.27 24.95 3.04
N ASP A 251 -9.57 26.17 2.64
CA ASP A 251 -10.95 26.67 2.61
C ASP A 251 -11.48 26.54 1.19
N PHE A 252 -12.31 25.53 0.95
CA PHE A 252 -12.80 25.23 -0.38
C PHE A 252 -13.85 26.23 -0.90
N SER A 253 -14.33 27.11 -0.01
CA SER A 253 -15.36 28.08 -0.39
C SER A 253 -14.75 29.36 -0.96
N LYS A 254 -13.44 29.51 -0.87
CA LYS A 254 -12.75 30.68 -1.42
C LYS A 254 -11.68 30.23 -2.40
N GLN A 255 -11.09 31.16 -3.14
CA GLN A 255 -10.03 30.81 -4.08
C GLN A 255 -8.97 29.96 -3.41
N VAL A 256 -8.69 28.81 -4.01
CA VAL A 256 -7.68 27.88 -3.52
C VAL A 256 -6.44 28.02 -4.39
N SER A 257 -5.27 27.96 -3.76
CA SER A 257 -4.01 28.04 -4.51
C SER A 257 -3.32 26.69 -4.57
N SER A 258 -2.67 26.41 -5.69
CA SER A 258 -1.86 25.20 -5.78
C SER A 258 -0.36 25.52 -5.61
N SER A 259 -0.04 26.76 -5.24
CA SER A 259 1.35 27.16 -5.05
C SER A 259 2.00 26.46 -3.86
N ALA A 260 3.32 26.32 -3.90
CA ALA A 260 4.03 25.72 -2.77
C ALA A 260 3.91 26.62 -1.54
N ALA A 261 3.93 25.99 -0.38
CA ALA A 261 3.81 26.70 0.88
C ALA A 261 4.46 25.92 2.01
N CYS A 262 4.76 26.61 3.11
CA CYS A 262 5.17 25.88 4.30
CA CYS A 262 5.29 25.97 4.32
C CYS A 262 4.53 26.49 5.53
N HIS A 263 4.28 25.61 6.50
CA HIS A 263 3.56 25.96 7.72
C HIS A 263 4.31 25.48 8.96
N SER A 264 4.74 26.41 9.79
CA SER A 264 5.52 26.08 10.99
C SER A 264 4.66 26.14 12.26
N ARG A 265 4.61 25.04 13.00
CA ARG A 265 3.80 24.99 14.22
C ARG A 265 4.64 24.65 15.44
N GLN A 266 4.64 25.54 16.43
CA GLN A 266 5.41 25.32 17.65
C GLN A 266 4.71 24.31 18.53
N PHE A 267 5.48 23.49 19.22
CA PHE A 267 4.91 22.53 20.16
C PHE A 267 5.90 22.25 21.29
N VAL A 268 5.38 21.78 22.40
CA VAL A 268 6.20 21.38 23.52
C VAL A 268 6.23 19.86 23.56
N PRO A 269 7.42 19.25 23.44
CA PRO A 269 7.50 17.79 23.46
C PRO A 269 6.88 17.19 24.73
N LEU A 270 6.10 16.12 24.53
CA LEU A 270 5.40 15.44 25.62
C LEU A 270 6.29 14.42 26.32
N ALA A 271 7.38 14.06 25.66
CA ALA A 271 8.32 13.09 26.19
C ALA A 271 9.68 13.34 25.53
N SER A 272 10.74 12.83 26.14
CA SER A 272 12.07 12.90 25.55
C SER A 272 12.27 11.68 24.67
N GLY A 273 12.84 11.87 23.49
CA GLY A 273 13.06 10.74 22.59
C GLY A 273 13.65 11.20 21.28
N GLN A 274 13.79 10.26 20.35
CA GLN A 274 14.30 10.56 19.02
C GLN A 274 13.16 10.92 18.10
N ALA A 275 13.09 12.17 17.68
CA ALA A 275 12.17 12.60 16.63
C ALA A 275 12.52 11.86 15.34
N GLN A 276 11.60 11.04 14.83
CA GLN A 276 11.88 10.21 13.65
C GLN A 276 10.76 10.25 12.61
N VAL A 277 9.54 10.00 13.07
CA VAL A 277 8.42 9.78 12.18
C VAL A 277 7.31 10.83 12.43
N VAL A 278 6.73 11.33 11.34
CA VAL A 278 5.55 12.19 11.46
C VAL A 278 4.34 11.41 10.97
N LEU A 279 3.39 11.18 11.87
CA LEU A 279 2.12 10.57 11.50
C LEU A 279 1.18 11.68 11.07
N SER A 280 0.37 11.43 10.06
CA SER A 280 -0.50 12.51 9.57
C SER A 280 -1.82 12.00 9.03
N TRP A 281 -2.84 12.84 9.12
CA TRP A 281 -4.16 12.53 8.61
C TRP A 281 -4.92 13.84 8.46
N TRP A 282 -6.10 13.78 7.84
CA TRP A 282 -6.89 15.00 7.66
C TRP A 282 -8.33 14.80 8.09
N ASP A 283 -9.05 15.90 8.26
CA ASP A 283 -10.50 15.82 8.33
C ASP A 283 -11.11 16.81 7.34
N ILE A 284 -12.42 16.69 7.13
CA ILE A 284 -13.13 17.66 6.32
C ILE A 284 -14.37 18.06 7.07
N GLU A 285 -14.68 19.35 7.00
CA GLU A 285 -15.92 19.89 7.55
C GLU A 285 -16.90 20.16 6.39
N MET A 286 -18.13 19.67 6.49
CA MET A 286 -19.06 19.72 5.37
C MET A 286 -19.83 21.03 5.33
N ASP A 287 -19.76 21.81 6.41
CA ASP A 287 -20.55 23.03 6.55
C ASP A 287 -19.70 24.17 7.09
N PRO A 288 -20.10 25.43 6.85
CA PRO A 288 -19.35 26.59 7.36
C PRO A 288 -19.19 26.58 8.89
N GLU A 289 -20.13 25.97 9.59
CA GLU A 289 -20.10 26.01 11.06
C GLU A 289 -19.28 24.86 11.65
N GLY A 290 -18.83 23.93 10.80
CA GLY A 290 -18.01 22.83 11.26
C GLY A 290 -18.70 21.80 12.15
N LYS A 291 -20.02 21.72 12.04
CA LYS A 291 -20.77 20.75 12.83
C LYS A 291 -20.72 19.34 12.23
N ILE A 292 -20.58 19.27 10.91
CA ILE A 292 -20.59 18.00 10.19
C ILE A 292 -19.16 17.65 9.77
N LYS A 293 -18.57 16.62 10.34
CA LYS A 293 -17.16 16.31 10.07
C LYS A 293 -16.89 14.86 9.73
N CYS A 294 -16.01 14.63 8.75
N CYS A 294 -15.87 14.67 8.92
CA CYS A 294 -15.42 13.31 8.53
CA CYS A 294 -15.43 13.35 8.55
C CYS A 294 -13.95 13.41 8.92
C CYS A 294 -13.92 13.26 8.74
N THR A 295 -13.46 12.44 9.70
CA THR A 295 -12.03 12.46 10.08
C THR A 295 -11.32 11.13 9.84
N MET A 296 -10.06 11.24 9.42
CA MET A 296 -9.20 10.08 9.29
C MET A 296 -8.28 9.86 10.51
N ALA A 297 -8.54 10.54 11.62
CA ALA A 297 -7.68 10.37 12.81
C ALA A 297 -7.66 8.92 13.29
N PRO A 298 -6.49 8.44 13.71
CA PRO A 298 -6.42 7.08 14.26
C PRO A 298 -7.04 7.00 15.66
N PHE A 299 -7.25 5.79 16.15
CA PHE A 299 -8.04 5.63 17.38
C PHE A 299 -7.51 6.41 18.59
N TRP A 300 -6.19 6.52 18.74
CA TRP A 300 -5.64 7.14 19.95
C TRP A 300 -5.80 8.66 19.94
N ALA A 301 -6.19 9.21 18.79
CA ALA A 301 -6.44 10.65 18.70
C ALA A 301 -7.94 10.99 18.62
N GLN A 302 -8.78 10.01 18.95
CA GLN A 302 -10.22 10.22 19.00
C GLN A 302 -10.70 9.93 20.42
N THR A 303 -11.95 10.26 20.75
CA THR A 303 -12.39 10.04 22.13
C THR A 303 -12.83 8.61 22.44
N ASP A 304 -13.31 7.88 21.44
CA ASP A 304 -13.94 6.57 21.69
C ASP A 304 -13.63 5.57 20.57
N PRO A 305 -12.78 4.57 20.84
CA PRO A 305 -12.42 3.61 19.78
C PRO A 305 -13.62 2.83 19.26
N GLN A 306 -14.67 2.73 20.06
CA GLN A 306 -15.85 1.99 19.65
C GLN A 306 -16.67 2.74 18.58
N GLU A 307 -16.30 3.99 18.31
CA GLU A 307 -17.03 4.79 17.32
C GLU A 307 -16.19 5.02 16.07
N LEU A 308 -15.10 4.27 15.99
CA LEU A 308 -14.15 4.40 14.90
C LEU A 308 -14.83 3.99 13.59
N GLN A 309 -14.56 4.72 12.51
CA GLN A 309 -15.13 4.37 11.21
C GLN A 309 -14.07 3.86 10.26
N TRP A 310 -14.28 2.66 9.72
CA TRP A 310 -13.29 2.06 8.81
C TRP A 310 -13.53 2.46 7.36
N ARG A 311 -12.45 2.73 6.63
CA ARG A 311 -12.52 2.70 5.16
C ARG A 311 -11.13 2.37 4.63
N ASP A 312 -11.06 2.04 3.35
CA ASP A 312 -9.77 1.75 2.74
C ASP A 312 -9.35 2.81 1.73
N HIS A 313 -10.33 3.45 1.07
CA HIS A 313 -9.97 4.44 0.05
C HIS A 313 -9.26 5.64 0.67
N TRP A 314 -9.55 5.92 1.94
CA TRP A 314 -8.74 6.89 2.70
C TRP A 314 -8.14 6.18 3.91
N MET A 315 -6.84 6.31 4.15
CA MET A 315 -6.29 5.82 5.42
C MET A 315 -5.40 6.89 6.04
N GLN A 316 -4.24 6.54 6.61
CA GLN A 316 -3.39 7.53 7.30
C GLN A 316 -2.00 7.57 6.70
N CYS A 317 -1.24 8.59 7.07
CA CYS A 317 0.08 8.86 6.49
C CYS A 317 1.21 8.63 7.45
N VAL A 318 2.31 8.05 6.93
CA VAL A 318 3.56 7.96 7.63
C VAL A 318 4.62 8.70 6.80
N TYR A 319 5.18 9.76 7.39
CA TYR A 319 6.28 10.50 6.77
C TYR A 319 7.53 10.38 7.62
N PHE A 320 8.70 10.51 7.00
CA PHE A 320 9.96 10.47 7.72
C PHE A 320 10.66 11.83 7.74
N LEU A 321 11.18 12.20 8.90
CA LEU A 321 12.02 13.41 8.98
C LEU A 321 13.29 13.16 8.15
N PRO A 322 13.88 14.23 7.62
CA PRO A 322 15.10 14.06 6.81
C PRO A 322 16.30 13.59 7.61
N GLN A 323 16.30 13.84 8.92
CA GLN A 323 17.22 13.17 9.84
C GLN A 323 16.56 13.05 11.21
N GLU A 324 16.89 11.99 11.95
CA GLU A 324 16.40 11.87 13.32
C GLU A 324 17.21 12.79 14.21
N GLU A 325 16.61 13.23 15.31
CA GLU A 325 17.33 14.04 16.29
C GLU A 325 16.57 14.06 17.60
N PRO A 326 17.28 14.32 18.72
CA PRO A 326 16.60 14.25 20.02
C PRO A 326 15.69 15.43 20.29
N VAL A 327 14.57 15.18 20.96
CA VAL A 327 13.78 16.24 21.57
C VAL A 327 13.71 15.96 23.07
N VAL A 328 13.47 17.01 23.84
CA VAL A 328 13.45 16.92 25.29
C VAL A 328 12.09 17.39 25.81
N GLN A 329 11.49 16.57 26.67
CA GLN A 329 10.20 16.90 27.27
C GLN A 329 10.24 18.30 27.85
N GLY A 330 9.33 19.16 27.40
CA GLY A 330 9.28 20.53 27.90
C GLY A 330 10.06 21.58 27.13
N SER A 331 10.96 21.15 26.24
CA SER A 331 11.78 22.10 25.46
C SER A 331 11.21 22.31 24.08
N PRO A 332 10.61 23.48 23.83
CA PRO A 332 9.81 23.72 22.63
C PRO A 332 10.60 23.64 21.32
N ARG A 333 9.94 23.11 20.29
CA ARG A 333 10.48 23.05 18.94
C ARG A 333 9.36 23.40 17.95
N CYS A 334 9.70 23.51 16.67
CA CYS A 334 8.72 23.80 15.62
C CYS A 334 8.72 22.74 14.52
N LEU A 335 7.57 22.11 14.33
CA LEU A 335 7.39 21.19 13.22
C LEU A 335 6.92 21.92 11.97
N VAL A 336 7.52 21.60 10.83
CA VAL A 336 7.18 22.30 9.60
C VAL A 336 6.59 21.39 8.55
N ALA A 337 5.37 21.71 8.11
CA ALA A 337 4.73 21.02 7.00
C ALA A 337 5.03 21.78 5.72
N HIS A 338 5.62 21.10 4.75
CA HIS A 338 5.87 21.68 3.42
C HIS A 338 4.95 21.04 2.41
N HIS A 339 4.49 21.79 1.41
CA HIS A 339 3.75 21.14 0.33
C HIS A 339 3.88 21.91 -0.96
N ASP A 340 3.68 21.23 -2.08
CA ASP A 340 3.56 21.92 -3.36
C ASP A 340 2.17 21.62 -3.90
N ASP A 341 2.02 21.41 -5.20
CA ASP A 341 0.68 21.23 -5.75
C ASP A 341 0.13 19.82 -5.52
N TYR A 342 0.99 18.85 -5.20
CA TYR A 342 0.56 17.45 -5.01
C TYR A 342 1.13 16.74 -3.79
N CYS A 343 2.26 17.22 -3.28
CA CYS A 343 3.05 16.46 -2.31
C CYS A 343 3.22 17.21 -0.99
N VAL A 344 3.39 16.45 0.09
CA VAL A 344 3.59 17.01 1.41
C VAL A 344 4.86 16.38 1.99
N TRP A 345 5.65 17.15 2.73
CA TRP A 345 6.78 16.59 3.44
C TRP A 345 7.08 17.40 4.70
N TYR A 346 7.86 16.83 5.61
CA TYR A 346 8.02 17.41 6.95
C TYR A 346 9.47 17.68 7.31
N SER A 347 9.67 18.70 8.12
CA SER A 347 10.97 18.92 8.75
C SER A 347 10.79 19.43 10.17
N LEU A 348 11.85 19.32 10.96
CA LEU A 348 11.88 19.86 12.30
C LEU A 348 12.81 21.06 12.26
N GLN A 349 12.29 22.23 12.58
CA GLN A 349 13.06 23.48 12.43
C GLN A 349 14.22 23.51 13.42
N ARG A 350 15.37 24.04 12.99
CA ARG A 350 16.55 24.09 13.84
C ARG A 350 16.30 24.89 15.11
N THR A 351 16.98 24.52 16.17
CA THR A 351 16.80 25.12 17.49
C THR A 351 17.07 26.63 17.46
N SER A 352 17.94 27.08 16.57
CA SER A 352 18.37 28.48 16.55
C SER A 352 17.32 29.43 15.94
N PRO A 353 16.90 29.22 14.67
CA PRO A 353 17.22 28.23 13.64
C PRO A 353 18.35 28.66 12.72
N GLN A 361 12.16 26.20 -0.73
CA GLN A 361 12.65 24.91 -0.25
C GLN A 361 12.13 23.77 -1.16
N VAL A 362 13.03 23.15 -1.92
CA VAL A 362 12.64 22.03 -2.76
C VAL A 362 12.68 20.72 -1.94
N ARG A 363 11.76 19.79 -2.23
CA ARG A 363 11.73 18.52 -1.51
C ARG A 363 12.98 17.69 -1.76
N PRO A 364 13.62 17.21 -0.69
CA PRO A 364 14.82 16.38 -0.85
C PRO A 364 14.51 15.04 -1.51
N VAL A 365 15.51 14.51 -2.21
CA VAL A 365 15.35 13.27 -2.96
C VAL A 365 16.35 12.25 -2.42
N CYS A 366 16.15 10.98 -2.77
CA CYS A 366 17.07 9.95 -2.33
C CYS A 366 18.42 10.08 -3.04
N ASP A 367 19.50 10.22 -2.27
CA ASP A 367 20.84 10.29 -2.87
C ASP A 367 21.72 9.15 -2.38
N CYS A 368 21.10 8.05 -1.97
CA CYS A 368 21.85 6.91 -1.45
C CYS A 368 21.56 5.63 -2.23
N GLN A 369 20.66 5.73 -3.21
CA GLN A 369 20.15 4.62 -4.04
C GLN A 369 19.14 3.69 -3.37
N ALA A 370 19.29 3.46 -2.07
CA ALA A 370 18.52 2.40 -1.39
C ALA A 370 17.01 2.63 -1.42
N HIS A 371 16.57 3.88 -1.31
CA HIS A 371 15.14 4.14 -1.18
C HIS A 371 14.43 4.07 -2.54
N LEU A 372 15.20 4.02 -3.61
CA LEU A 372 14.65 3.81 -4.94
C LEU A 372 14.56 2.32 -5.28
N LEU A 373 15.26 1.48 -4.51
CA LEU A 373 15.36 0.05 -4.81
C LEU A 373 14.63 -0.86 -3.83
N TRP A 374 14.58 -0.46 -2.55
CA TRP A 374 13.93 -1.24 -1.50
C TRP A 374 12.67 -0.50 -1.06
N ASN A 375 11.50 -1.13 -1.09
CA ASN A 375 10.32 -0.40 -0.62
C ASN A 375 10.20 -0.47 0.90
N ARG A 376 9.21 0.21 1.47
CA ARG A 376 9.16 0.32 2.93
C ARG A 376 9.08 -1.06 3.63
N PRO A 377 8.18 -1.96 3.20
CA PRO A 377 8.16 -3.28 3.84
C PRO A 377 9.46 -4.05 3.67
N ARG A 378 10.14 -3.86 2.54
CA ARG A 378 11.40 -4.58 2.29
C ARG A 378 12.49 -4.09 3.26
N PHE A 379 12.57 -2.78 3.48
CA PHE A 379 13.41 -2.23 4.54
C PHE A 379 13.11 -2.89 5.88
N GLY A 380 11.83 -3.01 6.24
CA GLY A 380 11.49 -3.60 7.53
C GLY A 380 11.94 -5.05 7.60
N GLU A 381 11.84 -5.73 6.47
CA GLU A 381 12.17 -7.15 6.37
C GLU A 381 13.67 -7.37 6.57
N ILE A 382 14.47 -6.57 5.87
CA ILE A 382 15.94 -6.66 5.99
C ILE A 382 16.39 -6.35 7.43
N ASN A 383 15.63 -5.49 8.10
CA ASN A 383 15.92 -5.08 9.46
C ASN A 383 15.40 -6.00 10.56
N ASP A 384 14.73 -7.09 10.16
CA ASP A 384 14.19 -8.05 11.12
C ASP A 384 15.32 -8.99 11.54
N GLN A 385 15.91 -8.72 12.70
CA GLN A 385 17.09 -9.45 13.14
C GLN A 385 16.78 -10.90 13.47
N ASP A 386 15.57 -11.16 13.97
CA ASP A 386 15.13 -12.54 14.19
C ASP A 386 15.08 -13.33 12.87
N ARG A 387 14.59 -12.68 11.82
CA ARG A 387 14.53 -13.30 10.50
C ARG A 387 15.94 -13.59 10.00
N THR A 388 16.80 -12.59 10.12
CA THR A 388 18.20 -12.75 9.73
C THR A 388 18.88 -13.90 10.48
N ASP A 389 18.67 -13.97 11.80
CA ASP A 389 19.19 -15.07 12.59
C ASP A 389 18.69 -16.44 12.09
N HIS A 390 17.44 -16.47 11.63
CA HIS A 390 16.84 -17.71 11.16
C HIS A 390 17.52 -18.16 9.85
N TYR A 391 17.80 -17.22 8.95
CA TYR A 391 18.57 -17.55 7.75
C TYR A 391 20.00 -17.92 8.12
N ALA A 392 20.59 -17.22 9.08
CA ALA A 392 21.94 -17.54 9.53
C ALA A 392 22.06 -18.99 10.00
N GLN A 393 21.09 -19.47 10.77
CA GLN A 393 21.18 -20.82 11.28
C GLN A 393 20.98 -21.83 10.15
N ALA A 394 20.08 -21.53 9.21
CA ALA A 394 19.94 -22.34 8.00
C ALA A 394 21.29 -22.49 7.29
N LEU A 395 21.97 -21.36 7.07
CA LEU A 395 23.26 -21.38 6.38
C LEU A 395 24.33 -22.18 7.14
N ARG A 396 24.33 -22.07 8.46
CA ARG A 396 25.25 -22.87 9.25
C ARG A 396 25.10 -24.37 8.98
N THR A 397 23.86 -24.79 8.76
CA THR A 397 23.53 -26.19 8.52
C THR A 397 24.06 -26.71 7.17
N VAL A 398 24.02 -25.87 6.14
CA VAL A 398 24.32 -26.33 4.80
C VAL A 398 25.67 -25.84 4.28
N LEU A 399 26.37 -25.04 5.08
CA LEU A 399 27.68 -24.55 4.65
C LEU A 399 28.78 -25.55 4.99
N LEU A 400 29.10 -26.40 4.02
CA LEU A 400 30.13 -27.42 4.19
C LEU A 400 31.49 -26.81 3.85
N PRO A 401 32.59 -27.49 4.24
CA PRO A 401 33.92 -26.99 3.86
C PRO A 401 34.08 -26.85 2.34
N GLY A 402 34.73 -25.77 1.91
CA GLY A 402 34.96 -25.52 0.51
C GLY A 402 33.73 -25.13 -0.29
N SER A 403 32.66 -24.69 0.39
CA SER A 403 31.42 -24.30 -0.26
C SER A 403 31.62 -23.18 -1.29
N VAL A 404 31.17 -23.42 -2.51
CA VAL A 404 31.09 -22.36 -3.53
C VAL A 404 29.62 -21.93 -3.69
N CYS A 405 29.33 -20.70 -3.24
CA CYS A 405 27.96 -20.23 -3.13
C CYS A 405 27.58 -19.29 -4.27
N LEU A 406 26.37 -19.47 -4.80
CA LEU A 406 25.78 -18.50 -5.70
C LEU A 406 24.51 -18.01 -5.02
N CYS A 407 24.39 -16.71 -4.83
CA CYS A 407 23.23 -16.14 -4.14
C CYS A 407 22.32 -15.44 -5.13
N VAL A 408 21.04 -15.78 -5.11
CA VAL A 408 20.08 -15.23 -6.05
C VAL A 408 18.84 -14.73 -5.31
N SER A 409 18.66 -13.40 -5.35
CA SER A 409 17.58 -12.65 -4.69
C SER A 409 18.00 -11.19 -4.74
N ASP A 410 17.08 -10.30 -5.12
CA ASP A 410 17.46 -8.89 -5.34
C ASP A 410 17.78 -8.16 -4.03
N GLY A 411 18.93 -7.48 -4.01
CA GLY A 411 19.32 -6.68 -2.86
C GLY A 411 19.36 -7.45 -1.55
N SER A 412 19.86 -8.68 -1.61
CA SER A 412 19.85 -9.58 -0.46
C SER A 412 21.18 -9.52 0.29
N LEU A 413 21.12 -9.59 1.62
CA LEU A 413 22.33 -9.64 2.43
C LEU A 413 22.81 -11.07 2.66
N LEU A 414 22.11 -12.06 2.09
CA LEU A 414 22.51 -13.46 2.30
C LEU A 414 23.96 -13.75 1.90
N SER A 415 24.45 -13.11 0.83
CA SER A 415 25.83 -13.32 0.39
C SER A 415 26.82 -12.95 1.48
N MET A 416 26.51 -11.91 2.25
CA MET A 416 27.38 -11.47 3.34
C MET A 416 27.33 -12.47 4.51
N LEU A 417 26.14 -12.96 4.82
CA LEU A 417 26.03 -14.01 5.84
C LEU A 417 26.83 -15.24 5.41
N ALA A 418 26.73 -15.61 4.14
CA ALA A 418 27.44 -16.81 3.68
C ALA A 418 28.94 -16.64 3.85
N HIS A 419 29.46 -15.47 3.48
CA HIS A 419 30.89 -15.24 3.68
C HIS A 419 31.28 -15.32 5.15
N HIS A 420 30.57 -14.57 5.99
CA HIS A 420 30.89 -14.54 7.42
C HIS A 420 30.80 -15.91 8.08
N LEU A 421 29.96 -16.77 7.53
CA LEU A 421 29.75 -18.09 8.11
C LEU A 421 30.66 -19.15 7.48
N GLY A 422 31.59 -18.70 6.64
CA GLY A 422 32.68 -19.59 6.23
C GLY A 422 32.67 -20.12 4.81
N ALA A 423 31.88 -19.53 3.93
CA ALA A 423 31.90 -19.94 2.53
C ALA A 423 33.30 -19.74 1.94
N GLU A 424 33.72 -20.66 1.08
CA GLU A 424 35.03 -20.54 0.44
C GLU A 424 35.00 -19.46 -0.64
N GLN A 425 33.92 -19.43 -1.41
CA GLN A 425 33.77 -18.35 -2.38
C GLN A 425 32.30 -18.02 -2.60
N VAL A 426 32.02 -16.72 -2.74
CA VAL A 426 30.63 -16.25 -2.83
C VAL A 426 30.41 -15.40 -4.07
N PHE A 427 29.39 -15.77 -4.84
CA PHE A 427 28.93 -15.00 -5.99
C PHE A 427 27.51 -14.54 -5.72
N THR A 428 27.15 -13.36 -6.20
CA THR A 428 25.77 -12.91 -6.09
C THR A 428 25.35 -12.24 -7.39
N VAL A 429 24.07 -12.26 -7.70
CA VAL A 429 23.60 -11.69 -8.95
C VAL A 429 22.75 -10.45 -8.67
N GLU A 430 23.06 -9.35 -9.34
CA GLU A 430 22.22 -8.15 -9.29
C GLU A 430 21.93 -7.70 -10.72
N SER A 431 20.67 -7.78 -11.12
CA SER A 431 20.30 -7.62 -12.52
CA SER A 431 20.30 -7.63 -12.52
C SER A 431 20.06 -6.19 -12.96
N SER A 432 20.12 -5.23 -12.03
CA SER A 432 20.03 -3.84 -12.47
C SER A 432 21.33 -3.16 -12.07
N VAL A 433 21.74 -2.17 -12.86
CA VAL A 433 22.96 -1.45 -12.58
C VAL A 433 22.86 -0.74 -11.21
N ALA A 434 21.69 -0.17 -10.92
CA ALA A 434 21.49 0.50 -9.65
C ALA A 434 21.66 -0.45 -8.46
N SER A 435 21.07 -1.66 -8.55
CA SER A 435 21.17 -2.61 -7.45
C SER A 435 22.59 -3.15 -7.33
N TYR A 436 23.22 -3.40 -8.48
CA TYR A 436 24.62 -3.79 -8.54
C TYR A 436 25.49 -2.78 -7.79
N ARG A 437 25.32 -1.49 -8.08
CA ARG A 437 26.12 -0.47 -7.42
C ARG A 437 25.82 -0.38 -5.91
N LEU A 438 24.56 -0.49 -5.52
CA LEU A 438 24.20 -0.39 -4.11
C LEU A 438 24.82 -1.54 -3.32
N MET A 439 24.75 -2.74 -3.86
CA MET A 439 25.27 -3.89 -3.13
C MET A 439 26.80 -3.81 -3.05
N LYS A 440 27.45 -3.42 -4.16
CA LYS A 440 28.89 -3.22 -4.10
C LYS A 440 29.29 -2.20 -3.06
N ARG A 441 28.49 -1.14 -2.92
CA ARG A 441 28.75 -0.11 -1.93
C ARG A 441 28.64 -0.69 -0.51
N ILE A 442 27.60 -1.47 -0.26
CA ILE A 442 27.42 -2.09 1.05
C ILE A 442 28.59 -3.02 1.37
N PHE A 443 29.02 -3.79 0.36
CA PHE A 443 30.15 -4.69 0.55
C PHE A 443 31.44 -3.92 0.85
N LYS A 444 31.66 -2.83 0.12
CA LYS A 444 32.88 -2.04 0.28
C LYS A 444 32.99 -1.38 1.65
N VAL A 445 31.89 -0.82 2.17
CA VAL A 445 31.97 -0.15 3.47
C VAL A 445 32.17 -1.19 4.56
N ASN A 446 31.81 -2.44 4.27
CA ASN A 446 32.06 -3.53 5.21
C ASN A 446 33.31 -4.34 4.88
N HIS A 447 34.15 -3.78 4.01
CA HIS A 447 35.46 -4.36 3.67
C HIS A 447 35.35 -5.78 3.10
N LEU A 448 34.29 -6.03 2.34
CA LEU A 448 34.07 -7.34 1.74
C LEU A 448 34.12 -7.28 0.22
N GLU A 449 34.62 -6.18 -0.33
CA GLU A 449 34.61 -5.97 -1.77
C GLU A 449 35.33 -7.08 -2.52
N ASP A 450 36.32 -7.70 -1.88
CA ASP A 450 37.11 -8.73 -2.54
C ASP A 450 36.70 -10.14 -2.15
N LYS A 451 35.57 -10.26 -1.45
CA LYS A 451 35.07 -11.57 -1.01
C LYS A 451 33.74 -11.93 -1.65
N ILE A 452 33.05 -10.94 -2.20
CA ILE A 452 31.78 -11.22 -2.86
C ILE A 452 31.81 -10.66 -4.27
N SER A 453 31.63 -11.53 -5.25
CA SER A 453 31.60 -11.12 -6.65
C SER A 453 30.16 -10.88 -7.10
N VAL A 454 29.90 -9.67 -7.59
CA VAL A 454 28.56 -9.31 -8.09
C VAL A 454 28.52 -9.45 -9.61
N ILE A 455 27.58 -10.25 -10.09
CA ILE A 455 27.39 -10.48 -11.52
C ILE A 455 26.21 -9.63 -11.99
N ASN A 456 26.43 -8.75 -12.96
CA ASN A 456 25.34 -7.85 -13.38
C ASN A 456 24.64 -8.37 -14.65
N LYS A 457 23.84 -9.42 -14.46
CA LYS A 457 23.11 -10.06 -15.55
C LYS A 457 21.79 -10.58 -14.99
N ARG A 458 20.87 -10.95 -15.87
CA ARG A 458 19.70 -11.72 -15.41
C ARG A 458 20.23 -13.06 -14.92
N PRO A 459 19.80 -13.52 -13.74
CA PRO A 459 20.45 -14.67 -13.11
C PRO A 459 20.36 -15.93 -13.96
N GLU A 460 19.26 -16.11 -14.69
CA GLU A 460 19.12 -17.31 -15.54
C GLU A 460 20.11 -17.32 -16.72
N LEU A 461 20.79 -16.19 -16.94
CA LEU A 461 21.69 -16.09 -18.09
C LEU A 461 23.17 -16.12 -17.71
N LEU A 462 23.50 -16.42 -16.45
CA LEU A 462 24.91 -16.37 -16.07
C LEU A 462 25.70 -17.49 -16.74
N THR A 463 27.00 -17.27 -16.85
CA THR A 463 27.87 -18.14 -17.61
C THR A 463 28.91 -18.81 -16.75
N ALA A 464 29.62 -19.77 -17.33
CA ALA A 464 30.71 -20.44 -16.64
C ALA A 464 31.78 -19.43 -16.20
N ALA A 465 32.11 -18.48 -17.08
CA ALA A 465 33.12 -17.47 -16.77
C ALA A 465 32.68 -16.51 -15.67
N ASP A 466 31.36 -16.28 -15.56
CA ASP A 466 30.82 -15.49 -14.47
C ASP A 466 31.16 -16.13 -13.12
N LEU A 467 31.29 -17.45 -13.11
CA LEU A 467 31.61 -18.17 -11.88
C LEU A 467 33.09 -18.50 -11.80
N GLU A 468 33.89 -17.84 -12.65
CA GLU A 468 35.32 -18.08 -12.73
C GLU A 468 35.67 -19.55 -12.97
N GLY A 469 34.83 -20.23 -13.74
CA GLY A 469 35.10 -21.61 -14.12
C GLY A 469 34.83 -22.62 -13.01
N LYS A 470 34.22 -22.15 -11.93
CA LYS A 470 33.94 -23.03 -10.80
C LYS A 470 32.51 -23.55 -10.84
N LYS A 471 32.26 -24.67 -10.17
CA LYS A 471 30.91 -25.20 -10.03
C LYS A 471 30.31 -24.82 -8.69
N VAL A 472 29.01 -24.55 -8.69
CA VAL A 472 28.31 -24.12 -7.49
C VAL A 472 27.90 -25.31 -6.63
N SER A 473 28.30 -25.30 -5.36
CA SER A 473 27.91 -26.38 -4.44
C SER A 473 26.72 -25.99 -3.58
N LEU A 474 26.48 -24.68 -3.44
CA LEU A 474 25.34 -24.19 -2.67
C LEU A 474 24.67 -23.03 -3.41
N LEU A 475 23.43 -23.27 -3.84
CA LEU A 475 22.63 -22.22 -4.47
C LEU A 475 21.66 -21.67 -3.44
N LEU A 476 21.75 -20.38 -3.12
CA LEU A 476 20.92 -19.88 -2.03
C LEU A 476 20.19 -18.60 -2.35
N GLY A 477 19.07 -18.39 -1.67
CA GLY A 477 18.27 -17.21 -1.87
C GLY A 477 17.26 -17.14 -0.75
N GLU A 478 16.51 -16.05 -0.69
CA GLU A 478 15.55 -15.87 0.39
C GLU A 478 14.25 -16.67 0.23
N PRO A 479 13.63 -16.69 -0.98
CA PRO A 479 13.85 -15.94 -2.21
C PRO A 479 13.06 -14.64 -2.20
N PHE A 480 13.64 -13.59 -2.76
CA PHE A 480 12.96 -12.31 -2.89
C PHE A 480 13.38 -11.63 -4.17
N PHE A 481 12.41 -11.10 -4.91
CA PHE A 481 12.70 -10.30 -6.09
C PHE A 481 11.84 -9.06 -6.10
N THR A 482 12.45 -7.94 -6.50
CA THR A 482 11.79 -6.64 -6.42
C THR A 482 10.47 -6.60 -7.18
N THR A 483 10.43 -7.23 -8.34
CA THR A 483 9.24 -7.18 -9.21
C THR A 483 8.09 -8.11 -8.78
N SER A 484 8.34 -8.98 -7.80
CA SER A 484 7.29 -9.92 -7.37
C SER A 484 6.10 -9.18 -6.74
N LEU A 485 4.90 -9.47 -7.22
CA LEU A 485 3.69 -8.82 -6.70
C LEU A 485 2.81 -9.79 -5.92
N LEU A 486 2.84 -11.05 -6.33
CA LEU A 486 2.12 -12.11 -5.62
C LEU A 486 3.14 -13.05 -4.97
N PRO A 487 2.74 -13.77 -3.90
CA PRO A 487 3.72 -14.60 -3.14
C PRO A 487 4.48 -15.59 -4.02
N TRP A 488 3.80 -16.22 -4.98
CA TRP A 488 4.45 -17.24 -5.80
C TRP A 488 5.33 -16.67 -6.90
N HIS A 489 5.35 -15.35 -7.06
CA HIS A 489 6.26 -14.78 -8.05
C HIS A 489 7.72 -15.05 -7.68
N ASN A 490 7.97 -15.28 -6.38
CA ASN A 490 9.35 -15.54 -5.95
C ASN A 490 9.81 -16.94 -6.32
N LEU A 491 8.92 -17.73 -6.91
CA LEU A 491 9.32 -19.00 -7.54
C LEU A 491 10.24 -18.76 -8.75
N TYR A 492 10.46 -17.51 -9.11
CA TYR A 492 11.47 -17.18 -10.11
C TYR A 492 12.83 -17.77 -9.70
N PHE A 493 13.07 -17.87 -8.39
CA PHE A 493 14.26 -18.52 -7.87
C PHE A 493 14.41 -19.94 -8.39
N TRP A 494 13.29 -20.66 -8.46
CA TRP A 494 13.26 -22.05 -8.90
C TRP A 494 13.54 -22.12 -10.39
N TYR A 495 13.05 -21.13 -11.11
CA TYR A 495 13.32 -21.02 -12.54
C TYR A 495 14.81 -20.81 -12.79
N VAL A 496 15.41 -19.97 -11.97
CA VAL A 496 16.85 -19.71 -12.06
C VAL A 496 17.62 -21.00 -11.74
N ARG A 497 17.20 -21.68 -10.68
CA ARG A 497 17.82 -22.95 -10.32
C ARG A 497 17.83 -23.93 -11.50
N THR A 498 16.75 -23.95 -12.25
CA THR A 498 16.63 -24.83 -13.41
C THR A 498 17.58 -24.37 -14.52
N SER A 499 17.58 -23.06 -14.77
CA SER A 499 18.39 -22.49 -15.86
C SER A 499 19.89 -22.66 -15.64
N VAL A 500 20.35 -22.58 -14.40
CA VAL A 500 21.78 -22.69 -14.13
C VAL A 500 22.25 -24.09 -13.71
N ASP A 501 21.45 -25.10 -14.01
CA ASP A 501 21.76 -26.48 -13.63
C ASP A 501 23.16 -26.94 -14.04
N GLN A 502 23.59 -26.54 -15.22
CA GLN A 502 24.87 -27.00 -15.75
C GLN A 502 26.06 -26.45 -14.97
N HIS A 503 25.81 -25.42 -14.16
CA HIS A 503 26.87 -24.78 -13.38
C HIS A 503 26.93 -25.30 -11.95
N LEU A 504 26.04 -26.25 -11.65
CA LEU A 504 25.98 -26.85 -10.32
C LEU A 504 26.91 -28.04 -10.20
N ALA A 505 27.59 -28.14 -9.07
CA ALA A 505 28.44 -29.29 -8.78
C ALA A 505 27.57 -30.50 -8.51
N PRO A 506 28.13 -31.71 -8.69
CA PRO A 506 27.38 -32.89 -8.28
C PRO A 506 27.05 -32.82 -6.80
N GLY A 507 25.80 -33.13 -6.44
CA GLY A 507 25.40 -33.09 -5.05
C GLY A 507 25.17 -31.69 -4.50
N ALA A 508 25.17 -30.70 -5.40
CA ALA A 508 24.88 -29.32 -5.02
C ALA A 508 23.60 -29.24 -4.20
N VAL A 509 23.60 -28.37 -3.19
CA VAL A 509 22.43 -28.19 -2.34
C VAL A 509 21.77 -26.83 -2.63
N VAL A 510 20.44 -26.82 -2.67
CA VAL A 510 19.68 -25.58 -2.84
C VAL A 510 19.04 -25.19 -1.51
N MET A 511 19.10 -23.91 -1.19
CA MET A 511 18.55 -23.35 0.03
C MET A 511 17.74 -22.12 -0.36
N PRO A 512 16.40 -22.17 -0.23
CA PRO A 512 15.55 -23.22 0.33
C PRO A 512 15.59 -24.52 -0.48
N GLN A 513 15.45 -25.65 0.21
CA GLN A 513 15.41 -26.93 -0.49
C GLN A 513 14.04 -27.20 -1.11
N ALA A 514 13.02 -26.48 -0.65
CA ALA A 514 11.67 -26.64 -1.20
C ALA A 514 10.77 -25.48 -0.80
N ALA A 515 9.62 -25.36 -1.47
CA ALA A 515 8.64 -24.32 -1.15
C ALA A 515 7.24 -24.92 -1.22
N SER A 516 6.27 -24.22 -0.65
CA SER A 516 4.91 -24.74 -0.70
C SER A 516 3.91 -23.60 -0.68
N LEU A 517 2.79 -23.82 -1.36
CA LEU A 517 1.70 -22.85 -1.39
C LEU A 517 0.64 -23.32 -0.41
N HIS A 518 0.20 -22.40 0.44
CA HIS A 518 -0.76 -22.71 1.50
C HIS A 518 -1.97 -21.81 1.41
N ALA A 519 -3.11 -22.28 1.91
CA ALA A 519 -4.33 -21.46 1.93
C ALA A 519 -5.14 -21.65 3.23
N VAL A 520 -5.92 -20.65 3.58
CA VAL A 520 -6.89 -20.77 4.66
C VAL A 520 -8.12 -19.94 4.32
N ILE A 521 -9.31 -20.41 4.73
CA ILE A 521 -10.53 -19.64 4.51
C ILE A 521 -10.69 -18.66 5.67
N VAL A 522 -11.03 -17.39 5.37
CA VAL A 522 -11.16 -16.42 6.46
C VAL A 522 -12.44 -15.60 6.36
N GLU A 523 -12.82 -15.05 7.51
CA GLU A 523 -13.80 -13.99 7.61
C GLU A 523 -13.05 -12.68 7.88
N PHE A 524 -13.20 -11.69 6.99
CA PHE A 524 -12.59 -10.38 7.23
C PHE A 524 -13.45 -9.51 8.12
N ARG A 525 -12.79 -8.72 8.97
CA ARG A 525 -13.50 -7.74 9.78
C ARG A 525 -14.15 -6.67 8.87
N ASP A 526 -13.36 -6.13 7.95
CA ASP A 526 -13.78 -5.00 7.12
C ASP A 526 -13.42 -5.13 5.64
N LEU A 527 -12.31 -5.80 5.34
CA LEU A 527 -11.75 -5.75 3.99
C LEU A 527 -12.71 -6.22 2.91
N TRP A 528 -13.66 -7.08 3.29
CA TRP A 528 -14.68 -7.57 2.37
C TRP A 528 -15.44 -6.44 1.67
N ARG A 529 -15.52 -5.27 2.30
CA ARG A 529 -16.23 -4.15 1.71
C ARG A 529 -15.66 -3.65 0.37
N ILE A 530 -14.38 -3.87 0.13
CA ILE A 530 -13.78 -3.25 -1.04
C ILE A 530 -14.17 -4.00 -2.33
N ARG A 531 -14.71 -5.21 -2.21
CA ARG A 531 -15.13 -5.96 -3.39
C ARG A 531 -16.57 -6.46 -3.33
N SER A 532 -17.34 -5.97 -2.39
CA SER A 532 -18.73 -6.42 -2.27
C SER A 532 -19.70 -5.45 -2.93
N PRO A 533 -20.73 -5.98 -3.59
CA PRO A 533 -21.75 -5.11 -4.20
C PRO A 533 -22.50 -4.31 -3.13
N CYS A 534 -23.04 -3.16 -3.51
CA CYS A 534 -23.77 -2.32 -2.56
C CYS A 534 -25.27 -2.40 -2.81
N GLY A 535 -25.68 -2.39 -4.07
CA GLY A 535 -27.09 -2.46 -4.42
C GLY A 535 -27.82 -1.14 -4.22
N ASP A 536 -27.92 -0.73 -2.96
CA ASP A 536 -28.55 0.54 -2.60
C ASP A 536 -27.63 1.36 -1.71
N CYS A 537 -27.46 2.63 -2.07
CA CYS A 537 -26.63 3.54 -1.29
C CYS A 537 -27.45 4.77 -0.92
N GLU A 538 -27.85 4.87 0.34
CA GLU A 538 -28.63 5.99 0.84
C GLU A 538 -29.95 6.20 0.09
N GLY A 539 -30.53 5.12 -0.44
CA GLY A 539 -31.77 5.24 -1.17
C GLY A 539 -31.60 5.22 -2.68
N PHE A 540 -30.37 5.35 -3.16
CA PHE A 540 -30.12 5.36 -4.59
C PHE A 540 -29.71 3.98 -5.12
N ASP A 541 -30.26 3.64 -6.28
CA ASP A 541 -29.98 2.40 -6.96
C ASP A 541 -28.59 2.44 -7.59
N VAL A 542 -27.68 1.60 -7.10
CA VAL A 542 -26.33 1.55 -7.64
C VAL A 542 -25.99 0.15 -8.15
N HIS A 543 -27.01 -0.65 -8.48
CA HIS A 543 -26.77 -1.98 -9.06
C HIS A 543 -25.93 -1.92 -10.34
N ILE A 544 -26.05 -0.82 -11.09
CA ILE A 544 -25.31 -0.68 -12.33
C ILE A 544 -23.81 -0.63 -12.05
N MET A 545 -23.44 -0.03 -10.92
CA MET A 545 -22.03 -0.01 -10.51
C MET A 545 -21.57 -1.41 -10.12
N ASP A 546 -22.40 -2.13 -9.38
CA ASP A 546 -22.13 -3.53 -9.02
C ASP A 546 -21.89 -4.38 -10.28
N ASP A 547 -22.82 -4.29 -11.24
CA ASP A 547 -22.72 -5.02 -12.50
C ASP A 547 -21.44 -4.72 -13.27
N MET A 548 -21.02 -3.46 -13.24
CA MET A 548 -19.85 -3.01 -13.95
C MET A 548 -18.58 -3.63 -13.36
N ILE A 549 -18.48 -3.58 -12.03
CA ILE A 549 -17.37 -4.21 -11.32
C ILE A 549 -17.35 -5.72 -11.57
N LYS A 550 -18.51 -6.35 -11.46
CA LYS A 550 -18.66 -7.80 -11.69
C LYS A 550 -18.15 -8.20 -13.06
N HIS A 551 -18.50 -7.39 -14.08
CA HIS A 551 -18.13 -7.69 -15.46
C HIS A 551 -16.62 -7.65 -15.67
N SER A 552 -15.95 -6.78 -14.91
CA SER A 552 -14.51 -6.59 -15.08
C SER A 552 -13.67 -7.67 -14.39
N LEU A 553 -14.11 -8.13 -13.23
CA LEU A 553 -13.35 -9.15 -12.50
C LEU A 553 -13.70 -10.55 -12.98
N ASP A 554 -14.73 -10.66 -13.81
CA ASP A 554 -15.10 -11.94 -14.41
C ASP A 554 -14.80 -11.96 -15.91
N PHE A 555 -13.94 -11.04 -16.33
CA PHE A 555 -13.54 -10.93 -17.72
C PHE A 555 -12.72 -12.15 -18.17
N ARG A 556 -11.79 -12.57 -17.31
CA ARG A 556 -11.00 -13.77 -17.57
C ARG A 556 -11.79 -15.01 -17.20
N GLU A 557 -11.36 -16.17 -17.66
CA GLU A 557 -12.01 -17.42 -17.27
C GLU A 557 -11.71 -17.71 -15.80
N SER A 558 -10.54 -17.29 -15.35
CA SER A 558 -10.13 -17.49 -13.95
C SER A 558 -9.92 -16.15 -13.24
N ARG A 559 -10.52 -16.00 -12.07
CA ARG A 559 -10.35 -14.78 -11.28
C ARG A 559 -8.98 -14.80 -10.59
N GLU A 560 -8.29 -13.68 -10.58
CA GLU A 560 -6.97 -13.59 -9.98
C GLU A 560 -7.07 -13.22 -8.51
N ALA A 561 -6.14 -13.73 -7.70
CA ALA A 561 -6.04 -13.32 -6.31
C ALA A 561 -5.40 -11.94 -6.26
N GLU A 562 -5.74 -11.17 -5.23
CA GLU A 562 -5.20 -9.81 -5.03
C GLU A 562 -4.19 -9.77 -3.89
N PRO A 563 -3.04 -9.11 -4.08
CA PRO A 563 -2.09 -8.97 -2.97
C PRO A 563 -2.50 -7.89 -1.95
N HIS A 564 -2.50 -8.24 -0.67
CA HIS A 564 -2.78 -7.29 0.41
C HIS A 564 -1.86 -7.56 1.62
N PRO A 565 -1.45 -6.50 2.33
CA PRO A 565 -0.67 -6.68 3.56
C PRO A 565 -1.62 -6.98 4.71
N LEU A 566 -1.87 -8.25 5.00
CA LEU A 566 -2.99 -8.54 5.91
C LEU A 566 -2.71 -8.22 7.37
N TRP A 567 -1.47 -7.89 7.73
CA TRP A 567 -1.25 -7.34 9.07
C TRP A 567 -2.08 -6.07 9.28
N GLU A 568 -2.49 -5.43 8.18
CA GLU A 568 -3.29 -4.19 8.26
C GLU A 568 -4.79 -4.42 8.22
N TYR A 569 -5.20 -5.69 8.11
CA TYR A 569 -6.61 -6.04 7.90
C TYR A 569 -7.04 -7.26 8.69
N PRO A 570 -7.54 -7.05 9.90
CA PRO A 570 -7.97 -8.14 10.78
C PRO A 570 -8.89 -9.16 10.11
N CYS A 571 -8.60 -10.43 10.33
CA CYS A 571 -9.48 -11.51 9.88
C CYS A 571 -9.29 -12.71 10.80
N ARG A 572 -10.23 -13.65 10.78
CA ARG A 572 -10.07 -14.87 11.54
C ARG A 572 -10.32 -16.07 10.65
N SER A 573 -9.64 -17.18 10.95
CA SER A 573 -9.73 -18.37 10.13
C SER A 573 -11.04 -19.13 10.35
N LEU A 574 -11.57 -19.71 9.27
CA LEU A 574 -12.80 -20.50 9.36
C LEU A 574 -12.52 -21.96 9.04
N SER A 575 -11.33 -22.22 8.52
CA SER A 575 -10.89 -23.58 8.22
C SER A 575 -9.50 -23.78 8.81
N LYS A 576 -9.05 -25.03 8.85
CA LYS A 576 -7.64 -25.30 9.11
C LYS A 576 -6.84 -24.82 7.91
N PRO A 577 -5.60 -24.36 8.14
CA PRO A 577 -4.79 -24.07 6.96
C PRO A 577 -4.46 -25.36 6.23
N GLN A 578 -4.21 -25.28 4.92
CA GLN A 578 -3.91 -26.47 4.14
C GLN A 578 -2.81 -26.21 3.12
N GLU A 579 -1.91 -27.18 2.97
CA GLU A 579 -0.92 -27.14 1.91
C GLU A 579 -1.61 -27.45 0.59
N ILE A 580 -1.38 -26.59 -0.40
CA ILE A 580 -2.05 -26.69 -1.70
C ILE A 580 -1.14 -27.28 -2.78
N LEU A 581 0.09 -26.76 -2.85
CA LEU A 581 1.09 -27.26 -3.80
C LEU A 581 2.46 -27.30 -3.12
N THR A 582 3.30 -28.25 -3.52
CA THR A 582 4.67 -28.30 -3.02
C THR A 582 5.65 -28.28 -4.20
N PHE A 583 6.74 -27.55 -4.04
CA PHE A 583 7.72 -27.35 -5.10
C PHE A 583 9.11 -27.78 -4.63
N ASP A 584 9.67 -28.80 -5.28
CA ASP A 584 10.96 -29.36 -4.89
C ASP A 584 12.10 -28.61 -5.58
N PHE A 585 12.72 -27.67 -4.86
CA PHE A 585 13.76 -26.81 -5.43
C PHE A 585 15.04 -27.56 -5.76
N GLN A 586 15.20 -28.74 -5.17
CA GLN A 586 16.40 -29.53 -5.37
C GLN A 586 16.36 -30.15 -6.77
N GLN A 587 15.19 -30.09 -7.40
CA GLN A 587 15.01 -30.63 -8.74
C GLN A 587 14.64 -29.52 -9.74
N PRO A 588 14.83 -29.76 -11.04
CA PRO A 588 14.39 -28.75 -12.02
C PRO A 588 12.88 -28.67 -12.11
N ILE A 589 12.37 -27.52 -12.54
CA ILE A 589 10.95 -27.32 -12.76
C ILE A 589 10.42 -28.30 -13.80
N PRO A 590 9.33 -29.01 -13.48
CA PRO A 590 8.72 -29.93 -14.45
C PRO A 590 8.15 -29.16 -15.64
N GLN A 591 8.12 -29.78 -16.82
CA GLN A 591 7.70 -29.07 -18.02
C GLN A 591 6.18 -29.13 -18.24
N GLN A 592 5.51 -29.94 -17.42
CA GLN A 592 4.04 -29.99 -17.45
C GLN A 592 3.46 -29.25 -16.24
N PRO A 593 2.31 -28.58 -16.43
CA PRO A 593 1.67 -27.85 -15.32
C PRO A 593 1.35 -28.76 -14.13
N MET A 594 1.46 -28.20 -12.93
CA MET A 594 1.15 -28.93 -11.69
C MET A 594 -0.25 -28.55 -11.19
N GLN A 595 -1.14 -29.53 -11.10
CA GLN A 595 -2.51 -29.23 -10.65
C GLN A 595 -2.83 -29.90 -9.32
N SER A 596 -3.63 -29.21 -8.52
CA SER A 596 -4.09 -29.72 -7.23
C SER A 596 -5.58 -29.43 -7.05
N LYS A 597 -6.29 -30.40 -6.48
CA LYS A 597 -7.70 -30.22 -6.16
C LYS A 597 -7.97 -30.73 -4.75
N GLY A 598 -8.93 -30.11 -4.08
CA GLY A 598 -9.31 -30.59 -2.76
C GLY A 598 -10.43 -29.81 -2.13
N THR A 599 -10.66 -30.07 -0.85
CA THR A 599 -11.71 -29.39 -0.12
C THR A 599 -11.16 -28.91 1.23
N MET A 600 -11.66 -27.77 1.69
N MET A 600 -11.68 -27.78 1.68
CA MET A 600 -11.27 -27.25 3.00
CA MET A 600 -11.30 -27.23 2.97
C MET A 600 -12.51 -27.08 3.87
C MET A 600 -12.55 -27.10 3.84
N GLU A 601 -12.61 -27.91 4.89
CA GLU A 601 -13.78 -27.92 5.77
C GLU A 601 -13.87 -26.66 6.62
N LEU A 602 -15.05 -26.05 6.63
CA LEU A 602 -15.28 -24.91 7.50
C LEU A 602 -15.55 -25.43 8.89
N THR A 603 -14.61 -25.20 9.80
CA THR A 603 -14.65 -25.78 11.15
C THR A 603 -15.13 -24.80 12.20
N ARG A 604 -15.24 -23.52 11.83
CA ARG A 604 -15.68 -22.47 12.74
C ARG A 604 -16.76 -21.61 12.06
N PRO A 605 -17.70 -21.07 12.85
CA PRO A 605 -18.75 -20.24 12.25
C PRO A 605 -18.23 -18.89 11.77
N GLY A 606 -18.87 -18.34 10.75
CA GLY A 606 -18.46 -17.06 10.19
C GLY A 606 -18.73 -16.98 8.70
N LYS A 607 -18.63 -15.77 8.14
CA LYS A 607 -18.85 -15.62 6.70
C LYS A 607 -17.56 -15.87 5.94
N SER A 608 -17.62 -16.79 4.98
CA SER A 608 -16.48 -17.14 4.17
C SER A 608 -16.19 -16.08 3.10
N HIS A 609 -15.49 -15.01 3.48
CA HIS A 609 -15.21 -13.91 2.58
C HIS A 609 -14.18 -14.24 1.52
N GLY A 610 -13.16 -15.02 1.87
CA GLY A 610 -12.05 -15.23 0.96
C GLY A 610 -11.19 -16.40 1.33
N ALA A 611 -10.39 -16.86 0.37
CA ALA A 611 -9.29 -17.74 0.67
C ALA A 611 -8.01 -16.91 0.64
N VAL A 612 -7.21 -17.03 1.69
CA VAL A 612 -5.93 -16.32 1.77
C VAL A 612 -4.81 -17.31 1.47
N LEU A 613 -3.88 -16.95 0.58
CA LEU A 613 -2.80 -17.85 0.20
C LEU A 613 -1.44 -17.21 0.45
N TRP A 614 -0.45 -18.03 0.77
CA TRP A 614 0.90 -17.54 1.06
C TRP A 614 1.90 -18.63 0.74
N MET A 615 3.18 -18.25 0.71
CA MET A 615 4.25 -19.22 0.51
C MET A 615 4.93 -19.56 1.84
N GLU A 616 5.35 -20.81 1.96
CA GLU A 616 6.27 -21.23 3.02
C GLU A 616 7.50 -21.82 2.34
N TYR A 617 8.65 -21.71 3.00
CA TYR A 617 9.89 -22.21 2.43
C TYR A 617 10.58 -23.16 3.40
N GLN A 618 10.89 -24.36 2.92
CA GLN A 618 11.66 -25.32 3.69
C GLN A 618 13.13 -24.97 3.48
N LEU A 619 13.72 -24.25 4.43
CA LEU A 619 15.09 -23.77 4.25
C LEU A 619 16.06 -24.95 4.28
N THR A 620 15.91 -25.81 5.29
CA THR A 620 16.75 -26.99 5.50
C THR A 620 15.84 -28.12 5.98
N PRO A 621 16.38 -29.34 6.18
CA PRO A 621 15.46 -30.39 6.63
C PRO A 621 14.69 -30.08 7.93
N ASP A 622 15.24 -29.23 8.80
CA ASP A 622 14.59 -28.97 10.08
C ASP A 622 14.33 -27.47 10.32
N SER A 623 14.27 -26.70 9.25
CA SER A 623 14.03 -25.27 9.34
C SER A 623 13.03 -24.79 8.27
N THR A 624 12.04 -24.00 8.69
CA THR A 624 11.06 -23.48 7.76
C THR A 624 10.78 -21.99 8.04
N ILE A 625 10.19 -21.31 7.07
CA ILE A 625 9.76 -19.93 7.28
C ILE A 625 8.48 -19.66 6.50
N SER A 626 7.54 -18.94 7.13
CA SER A 626 6.28 -18.61 6.48
C SER A 626 6.18 -17.13 6.14
N THR A 627 5.69 -16.84 4.94
CA THR A 627 5.46 -15.46 4.52
C THR A 627 3.99 -15.09 4.69
N GLY A 628 3.24 -15.93 5.38
CA GLY A 628 1.83 -15.67 5.60
C GLY A 628 1.43 -15.86 7.05
N LEU A 629 0.64 -16.90 7.30
CA LEU A 629 0.16 -17.18 8.64
C LEU A 629 1.32 -17.51 9.57
N ILE A 630 1.36 -16.87 10.73
CA ILE A 630 2.42 -17.18 11.68
C ILE A 630 1.80 -17.64 13.02
N ASN A 631 0.48 -17.74 13.09
CA ASN A 631 -0.17 -18.49 14.18
C ASN A 631 -1.15 -19.57 13.69
N PRO A 632 -0.63 -20.57 12.95
CA PRO A 632 -1.54 -21.60 12.40
C PRO A 632 -2.17 -22.46 13.49
N GLY A 637 -9.02 -16.52 18.10
CA GLY A 637 -8.61 -15.13 17.90
C GLY A 637 -8.36 -14.82 16.44
N ASP A 638 -7.89 -13.61 16.16
CA ASP A 638 -7.60 -13.20 14.79
C ASP A 638 -6.32 -13.83 14.27
N CYS A 639 -6.26 -14.03 12.96
CA CYS A 639 -5.04 -14.49 12.30
C CYS A 639 -3.89 -13.52 12.56
N CYS A 640 -2.68 -14.06 12.66
N CYS A 640 -2.67 -14.05 12.65
CA CYS A 640 -1.48 -13.23 12.70
CA CYS A 640 -1.48 -13.22 12.72
C CYS A 640 -0.69 -13.44 11.43
C CYS A 640 -0.65 -13.44 11.45
N TRP A 641 -0.30 -12.34 10.79
CA TRP A 641 0.36 -12.42 9.48
C TRP A 641 1.79 -11.88 9.51
N ASN A 642 2.67 -12.48 8.72
CA ASN A 642 4.00 -11.91 8.49
C ASN A 642 3.84 -10.47 7.99
N PRO A 643 4.38 -9.50 8.77
CA PRO A 643 4.14 -8.09 8.45
C PRO A 643 5.03 -7.57 7.33
N HIS A 644 5.98 -8.38 6.86
CA HIS A 644 6.93 -7.94 5.84
C HIS A 644 6.49 -8.22 4.41
N CYS A 645 5.43 -9.02 4.28
CA CYS A 645 5.03 -9.66 3.02
C CYS A 645 3.59 -9.34 2.71
N LYS A 646 3.23 -9.28 1.43
CA LYS A 646 1.81 -9.28 1.06
C LYS A 646 1.32 -10.72 0.90
N GLN A 647 0.10 -10.98 1.34
CA GLN A 647 -0.55 -12.27 1.15
C GLN A 647 -1.51 -12.15 -0.04
N ALA A 648 -1.94 -13.28 -0.60
CA ALA A 648 -2.87 -13.22 -1.73
C ALA A 648 -4.29 -13.50 -1.25
N VAL A 649 -5.24 -12.67 -1.69
CA VAL A 649 -6.63 -12.85 -1.28
C VAL A 649 -7.46 -13.22 -2.48
N TYR A 650 -8.08 -14.40 -2.44
CA TYR A 650 -9.06 -14.78 -3.45
C TYR A 650 -10.45 -14.59 -2.85
N PHE A 651 -11.16 -13.55 -3.27
CA PHE A 651 -12.49 -13.30 -2.71
C PHE A 651 -13.49 -14.33 -3.23
N LEU A 652 -14.32 -14.87 -2.33
CA LEU A 652 -15.34 -15.83 -2.73
C LEU A 652 -16.56 -15.14 -3.32
N SER A 653 -17.41 -15.92 -3.99
CA SER A 653 -18.59 -15.43 -4.68
C SER A 653 -19.43 -14.46 -3.85
N THR A 654 -19.72 -13.30 -4.45
CA THR A 654 -20.43 -12.21 -3.80
C THR A 654 -21.69 -11.82 -4.56
N PRO A 665 -23.53 -24.17 3.58
CA PRO A 665 -22.22 -23.59 3.31
C PRO A 665 -21.18 -23.92 4.38
N ARG A 666 -20.68 -25.15 4.42
CA ARG A 666 -19.60 -25.49 5.37
C ARG A 666 -18.44 -26.26 4.75
N SER A 667 -18.27 -26.15 3.44
CA SER A 667 -17.03 -26.60 2.82
C SER A 667 -16.64 -25.69 1.67
N VAL A 668 -15.34 -25.54 1.45
CA VAL A 668 -14.83 -24.79 0.30
C VAL A 668 -13.93 -25.70 -0.53
N SER A 669 -14.30 -25.89 -1.80
CA SER A 669 -13.50 -26.72 -2.70
C SER A 669 -12.57 -25.85 -3.50
N TYR A 670 -11.44 -26.41 -3.94
CA TYR A 670 -10.50 -25.63 -4.74
C TYR A 670 -9.93 -26.42 -5.92
N VAL A 671 -9.56 -25.66 -6.95
CA VAL A 671 -8.75 -26.16 -8.05
C VAL A 671 -7.62 -25.15 -8.28
N VAL A 672 -6.37 -25.60 -8.20
CA VAL A 672 -5.22 -24.70 -8.32
C VAL A 672 -4.19 -25.32 -9.29
N GLU A 673 -3.55 -24.48 -10.09
CA GLU A 673 -2.63 -25.00 -11.11
C GLU A 673 -1.44 -24.06 -11.33
N PHE A 674 -0.24 -24.63 -11.27
CA PHE A 674 0.98 -23.86 -11.52
C PHE A 674 1.45 -24.10 -12.95
N HIS A 675 1.73 -23.02 -13.68
CA HIS A 675 2.11 -23.09 -15.08
C HIS A 675 3.59 -22.73 -15.26
N PRO A 676 4.43 -23.73 -15.54
CA PRO A 676 5.89 -23.59 -15.56
C PRO A 676 6.46 -22.66 -16.64
N LEU A 677 5.75 -22.48 -17.76
CA LEU A 677 6.22 -21.58 -18.80
C LEU A 677 6.13 -20.12 -18.34
N THR A 678 5.07 -19.80 -17.62
CA THR A 678 4.84 -18.41 -17.22
C THR A 678 5.10 -18.14 -15.74
N GLY A 679 5.00 -19.18 -14.92
CA GLY A 679 5.11 -19.01 -13.48
C GLY A 679 3.78 -18.63 -12.85
N ASP A 680 2.73 -18.53 -13.67
CA ASP A 680 1.42 -18.15 -13.17
C ASP A 680 0.83 -19.28 -12.36
N ILE A 681 -0.02 -18.92 -11.39
CA ILE A 681 -0.85 -19.89 -10.71
C ILE A 681 -2.30 -19.49 -10.85
N THR A 682 -3.09 -20.32 -11.51
CA THR A 682 -4.52 -20.07 -11.63
C THR A 682 -5.26 -20.84 -10.56
N MET A 683 -6.43 -20.35 -10.19
CA MET A 683 -7.14 -20.94 -9.05
C MET A 683 -8.62 -20.63 -9.06
N GLU A 684 -9.40 -21.55 -8.51
CA GLU A 684 -10.80 -21.27 -8.21
C GLU A 684 -11.14 -21.86 -6.84
N PHE A 685 -11.69 -21.03 -5.96
CA PHE A 685 -12.26 -21.50 -4.69
C PHE A 685 -13.76 -21.25 -4.70
N ARG A 686 -14.55 -22.24 -4.31
CA ARG A 686 -15.98 -22.04 -4.25
C ARG A 686 -16.63 -22.82 -3.11
N LEU A 687 -17.68 -22.27 -2.52
CA LEU A 687 -18.43 -22.98 -1.50
C LEU A 687 -19.00 -24.27 -2.09
N ALA A 688 -19.01 -25.33 -1.29
CA ALA A 688 -19.57 -26.60 -1.73
C ALA A 688 -20.46 -27.19 -0.64
#